data_2CPW
#
_entry.id   2CPW
#
_entity_poly.entity_id   1
_entity_poly.type   'polypeptide(L)'
_entity_poly.pdbx_seq_one_letter_code
;GSSGSSGRNRQQRPGTIKHGSALDVLLSMGFPRARAQKALASTGGRSVQTACDWLFSHSGPSSG
;
_entity_poly.pdbx_strand_id   A
#
# COMPACT_ATOMS: atom_id res chain seq x y z
N GLY A 1 16.76 -6.61 -15.06
CA GLY A 1 15.78 -5.58 -15.39
C GLY A 1 14.47 -6.21 -15.90
N SER A 2 13.97 -5.65 -16.98
CA SER A 2 12.74 -6.14 -17.57
C SER A 2 11.57 -5.95 -16.60
N SER A 3 10.39 -5.78 -17.17
CA SER A 3 9.19 -5.59 -16.37
C SER A 3 9.31 -4.29 -15.57
N GLY A 4 8.20 -3.91 -14.95
CA GLY A 4 8.16 -2.70 -14.14
C GLY A 4 6.96 -2.70 -13.20
N SER A 5 6.34 -1.53 -13.08
CA SER A 5 5.18 -1.38 -12.22
C SER A 5 4.67 0.06 -12.29
N SER A 6 3.90 0.33 -13.33
CA SER A 6 3.34 1.66 -13.52
C SER A 6 1.85 1.66 -13.13
N GLY A 7 1.35 2.85 -12.85
CA GLY A 7 -0.04 3.00 -12.47
C GLY A 7 -0.38 2.13 -11.26
N ARG A 8 -1.53 2.40 -10.68
CA ARG A 8 -1.97 1.65 -9.51
C ARG A 8 -1.01 1.86 -8.34
N ASN A 9 -1.38 2.79 -7.48
CA ASN A 9 -0.56 3.09 -6.32
C ASN A 9 -1.42 3.06 -5.06
N ARG A 10 -1.13 2.10 -4.19
CA ARG A 10 -1.87 1.96 -2.95
C ARG A 10 -3.23 1.32 -3.23
N GLN A 11 -3.99 1.97 -4.10
CA GLN A 11 -5.31 1.48 -4.46
C GLN A 11 -6.21 1.45 -3.22
N GLN A 12 -7.25 2.27 -3.27
CA GLN A 12 -8.20 2.34 -2.16
C GLN A 12 -9.63 2.39 -2.69
N ARG A 13 -10.11 1.24 -3.15
CA ARG A 13 -11.45 1.13 -3.68
C ARG A 13 -11.76 -0.31 -4.10
N PRO A 14 -13.05 -0.68 -4.00
CA PRO A 14 -13.49 -2.02 -4.37
C PRO A 14 -13.52 -2.19 -5.89
N GLY A 15 -12.34 -2.03 -6.49
CA GLY A 15 -12.22 -2.16 -7.94
C GLY A 15 -11.80 -0.85 -8.57
N THR A 16 -11.26 -0.95 -9.78
CA THR A 16 -10.82 0.22 -10.51
C THR A 16 -11.70 0.46 -11.74
N ILE A 17 -12.41 -0.59 -12.12
CA ILE A 17 -13.29 -0.50 -13.28
C ILE A 17 -14.38 0.54 -13.01
N LYS A 18 -14.98 0.43 -11.84
CA LYS A 18 -16.03 1.36 -11.45
C LYS A 18 -15.59 2.13 -10.20
N HIS A 19 -15.81 3.44 -10.25
CA HIS A 19 -15.45 4.30 -9.13
C HIS A 19 -16.41 4.08 -7.97
N GLY A 20 -15.88 4.23 -6.77
CA GLY A 20 -16.69 4.05 -5.57
C GLY A 20 -17.30 5.38 -5.11
N SER A 21 -17.93 5.33 -3.95
CA SER A 21 -18.56 6.52 -3.40
C SER A 21 -18.55 6.45 -1.87
N ALA A 22 -18.34 7.60 -1.25
CA ALA A 22 -18.31 7.68 0.20
C ALA A 22 -19.43 6.79 0.78
N LEU A 23 -20.54 6.75 0.05
CA LEU A 23 -21.68 5.95 0.47
C LEU A 23 -21.43 4.49 0.11
N ASP A 24 -21.16 4.26 -1.17
CA ASP A 24 -20.91 2.91 -1.65
C ASP A 24 -19.83 2.25 -0.76
N VAL A 25 -18.94 3.09 -0.27
CA VAL A 25 -17.87 2.60 0.59
C VAL A 25 -18.46 1.98 1.85
N LEU A 26 -19.25 2.79 2.56
CA LEU A 26 -19.89 2.34 3.78
C LEU A 26 -20.67 1.06 3.50
N LEU A 27 -21.30 1.02 2.33
CA LEU A 27 -22.08 -0.13 1.93
C LEU A 27 -21.17 -1.36 1.87
N SER A 28 -19.96 -1.14 1.40
CA SER A 28 -18.99 -2.22 1.30
C SER A 28 -18.58 -2.70 2.68
N MET A 29 -18.54 -1.75 3.61
CA MET A 29 -18.16 -2.06 4.98
C MET A 29 -19.22 -2.95 5.64
N GLY A 30 -20.43 -2.86 5.12
CA GLY A 30 -21.53 -3.65 5.65
C GLY A 30 -22.58 -2.76 6.33
N PHE A 31 -22.66 -1.53 5.84
CA PHE A 31 -23.60 -0.58 6.38
C PHE A 31 -24.74 -0.30 5.39
N PRO A 32 -25.95 -0.07 5.95
CA PRO A 32 -27.11 0.20 5.13
C PRO A 32 -27.07 1.63 4.57
N ARG A 33 -27.38 1.74 3.29
CA ARG A 33 -27.39 3.04 2.63
C ARG A 33 -27.98 4.10 3.54
N ALA A 34 -29.06 3.73 4.22
CA ALA A 34 -29.72 4.64 5.13
C ALA A 34 -28.71 5.17 6.16
N ARG A 35 -28.21 4.25 6.96
CA ARG A 35 -27.23 4.62 7.97
C ARG A 35 -26.20 5.59 7.40
N ALA A 36 -25.55 5.15 6.34
CA ALA A 36 -24.54 5.98 5.69
C ALA A 36 -25.17 7.30 5.26
N GLN A 37 -26.37 7.19 4.70
CA GLN A 37 -27.08 8.37 4.24
C GLN A 37 -27.26 9.37 5.38
N LYS A 38 -27.99 8.94 6.40
CA LYS A 38 -28.24 9.77 7.55
C LYS A 38 -26.94 10.45 7.99
N ALA A 39 -25.92 9.63 8.17
CA ALA A 39 -24.61 10.13 8.57
C ALA A 39 -24.11 11.12 7.53
N LEU A 40 -23.91 10.62 6.32
CA LEU A 40 -23.45 11.45 5.22
C LEU A 40 -24.15 12.80 5.27
N ALA A 41 -25.46 12.76 5.09
CA ALA A 41 -26.26 13.97 5.11
C ALA A 41 -25.79 14.86 6.26
N SER A 42 -25.97 14.35 7.48
CA SER A 42 -25.59 15.08 8.67
C SER A 42 -24.23 15.77 8.43
N THR A 43 -23.24 14.95 8.10
CA THR A 43 -21.91 15.46 7.87
C THR A 43 -21.72 15.78 6.38
N GLY A 44 -22.81 16.22 5.76
CA GLY A 44 -22.79 16.57 4.35
C GLY A 44 -22.50 15.34 3.49
N GLY A 45 -21.22 14.97 3.44
CA GLY A 45 -20.81 13.82 2.65
C GLY A 45 -19.44 14.06 2.01
N ARG A 46 -18.46 14.29 2.87
CA ARG A 46 -17.10 14.54 2.40
C ARG A 46 -16.21 13.32 2.67
N SER A 47 -16.16 12.95 3.94
CA SER A 47 -15.35 11.81 4.34
C SER A 47 -16.25 10.72 4.94
N VAL A 48 -15.80 9.48 4.80
CA VAL A 48 -16.55 8.35 5.32
C VAL A 48 -16.14 8.09 6.77
N GLN A 49 -14.94 8.56 7.10
CA GLN A 49 -14.43 8.39 8.45
C GLN A 49 -15.23 9.23 9.44
N THR A 50 -15.46 10.48 9.06
CA THR A 50 -16.22 11.38 9.91
C THR A 50 -17.63 10.84 10.14
N ALA A 51 -18.23 10.37 9.07
CA ALA A 51 -19.58 9.82 9.14
C ALA A 51 -19.60 8.69 10.17
N CYS A 52 -18.62 7.81 10.06
CA CYS A 52 -18.53 6.68 10.98
C CYS A 52 -18.64 7.22 12.41
N ASP A 53 -17.71 8.11 12.75
CA ASP A 53 -17.70 8.70 14.08
C ASP A 53 -19.12 9.13 14.46
N TRP A 54 -19.80 9.75 13.50
CA TRP A 54 -21.15 10.21 13.71
C TRP A 54 -22.04 8.98 13.91
N LEU A 55 -21.94 8.06 12.98
CA LEU A 55 -22.73 6.84 13.04
C LEU A 55 -22.73 6.31 14.47
N PHE A 56 -21.56 5.85 14.90
CA PHE A 56 -21.41 5.31 16.24
C PHE A 56 -21.95 6.29 17.29
N SER A 57 -21.45 7.52 17.22
CA SER A 57 -21.87 8.55 18.14
C SER A 57 -23.39 8.69 18.12
N HIS A 58 -23.98 8.57 19.30
CA HIS A 58 -25.43 8.67 19.43
C HIS A 58 -25.88 10.06 19.00
N SER A 59 -26.71 10.09 17.97
CA SER A 59 -27.22 11.34 17.45
C SER A 59 -28.71 11.47 17.76
N GLY A 60 -29.08 12.65 18.25
CA GLY A 60 -30.47 12.91 18.58
C GLY A 60 -30.58 14.09 19.55
N PRO A 61 -31.79 14.72 19.56
CA PRO A 61 -32.05 15.85 20.43
C PRO A 61 -32.23 15.40 21.88
N SER A 62 -31.33 15.88 22.74
CA SER A 62 -31.38 15.54 24.14
C SER A 62 -32.80 15.75 24.68
N SER A 63 -33.51 14.64 24.83
CA SER A 63 -34.88 14.70 25.33
C SER A 63 -34.87 14.56 26.85
N GLY A 64 -35.20 15.66 27.52
CA GLY A 64 -35.24 15.68 28.97
C GLY A 64 -33.83 15.74 29.56
N GLY A 1 16.76 -6.61 -15.06
CA GLY A 1 15.78 -5.58 -15.39
C GLY A 1 14.90 -5.26 -14.18
N SER A 2 13.76 -4.64 -14.46
CA SER A 2 12.82 -4.28 -13.41
C SER A 2 11.60 -3.59 -14.02
N SER A 3 10.53 -3.54 -13.23
CA SER A 3 9.30 -2.93 -13.68
C SER A 3 8.87 -1.84 -12.70
N GLY A 4 8.68 -2.25 -11.45
CA GLY A 4 8.28 -1.33 -10.40
C GLY A 4 7.00 -1.80 -9.71
N SER A 5 6.78 -1.28 -8.53
CA SER A 5 5.60 -1.64 -7.75
C SER A 5 5.38 -0.63 -6.62
N SER A 6 4.19 -0.05 -6.60
CA SER A 6 3.85 0.92 -5.59
C SER A 6 2.37 1.32 -5.72
N GLY A 7 1.78 1.66 -4.57
CA GLY A 7 0.39 2.05 -4.55
C GLY A 7 0.16 3.33 -5.35
N ARG A 8 -0.76 4.15 -4.85
CA ARG A 8 -1.08 5.40 -5.52
C ARG A 8 -2.11 6.19 -4.71
N ASN A 9 -3.24 5.54 -4.46
CA ASN A 9 -4.31 6.15 -3.69
C ASN A 9 -3.90 6.24 -2.22
N ARG A 10 -3.69 7.47 -1.77
CA ARG A 10 -3.29 7.70 -0.39
C ARG A 10 -3.17 9.20 -0.12
N GLN A 11 -4.29 9.78 0.30
CA GLN A 11 -4.34 11.20 0.60
C GLN A 11 -5.44 11.50 1.62
N GLN A 12 -5.40 12.71 2.14
CA GLN A 12 -6.39 13.14 3.12
C GLN A 12 -7.78 12.66 2.71
N ARG A 13 -8.22 13.15 1.56
CA ARG A 13 -9.53 12.79 1.05
C ARG A 13 -9.38 11.96 -0.24
N PRO A 14 -10.37 11.05 -0.44
CA PRO A 14 -10.36 10.19 -1.61
C PRO A 14 -10.77 10.96 -2.86
N GLY A 15 -11.93 11.60 -2.77
CA GLY A 15 -12.44 12.38 -3.89
C GLY A 15 -12.99 11.47 -4.99
N THR A 16 -12.62 11.78 -6.22
CA THR A 16 -13.06 11.00 -7.36
C THR A 16 -11.93 10.89 -8.40
N ILE A 17 -11.76 9.67 -8.89
CA ILE A 17 -10.73 9.41 -9.88
C ILE A 17 -11.38 9.22 -11.25
N LYS A 18 -12.59 8.68 -11.23
CA LYS A 18 -13.33 8.46 -12.46
C LYS A 18 -14.79 8.84 -12.26
N HIS A 19 -15.51 8.94 -13.37
CA HIS A 19 -16.92 9.30 -13.32
C HIS A 19 -17.73 8.30 -14.16
N GLY A 20 -18.52 7.49 -13.45
CA GLY A 20 -19.34 6.50 -14.11
C GLY A 20 -20.82 6.87 -14.02
N SER A 21 -21.59 6.36 -14.97
CA SER A 21 -23.02 6.63 -15.02
C SER A 21 -23.70 6.02 -13.79
N ALA A 22 -24.77 6.68 -13.36
CA ALA A 22 -25.52 6.21 -12.21
C ALA A 22 -25.68 4.69 -12.29
N LEU A 23 -25.76 4.20 -13.52
CA LEU A 23 -25.93 2.78 -13.76
C LEU A 23 -24.58 2.08 -13.57
N ASP A 24 -23.58 2.59 -14.29
CA ASP A 24 -22.25 2.03 -14.21
C ASP A 24 -21.82 1.92 -12.75
N VAL A 25 -22.24 2.91 -11.97
CA VAL A 25 -21.91 2.95 -10.56
C VAL A 25 -22.51 1.71 -9.87
N LEU A 26 -23.81 1.54 -10.05
CA LEU A 26 -24.51 0.41 -9.46
C LEU A 26 -23.81 -0.88 -9.86
N LEU A 27 -23.37 -0.92 -11.11
CA LEU A 27 -22.69 -2.09 -11.63
C LEU A 27 -21.42 -2.34 -10.80
N SER A 28 -20.85 -1.24 -10.32
CA SER A 28 -19.63 -1.33 -9.52
C SER A 28 -19.96 -1.88 -8.12
N MET A 29 -21.10 -1.43 -7.59
CA MET A 29 -21.53 -1.88 -6.28
C MET A 29 -21.72 -3.39 -6.25
N GLY A 30 -21.98 -3.95 -7.43
CA GLY A 30 -22.19 -5.39 -7.54
C GLY A 30 -23.62 -5.69 -7.95
N PHE A 31 -24.23 -4.75 -8.64
CA PHE A 31 -25.60 -4.91 -9.09
C PHE A 31 -25.65 -5.14 -10.61
N PRO A 32 -26.63 -5.99 -11.03
CA PRO A 32 -26.80 -6.30 -12.44
C PRO A 32 -27.43 -5.13 -13.19
N ARG A 33 -26.88 -4.86 -14.37
CA ARG A 33 -27.38 -3.78 -15.20
C ARG A 33 -28.91 -3.72 -15.14
N ALA A 34 -29.53 -4.85 -15.47
CA ALA A 34 -30.98 -4.93 -15.45
C ALA A 34 -31.51 -4.35 -14.15
N ARG A 35 -31.18 -5.03 -13.06
CA ARG A 35 -31.61 -4.59 -11.74
C ARG A 35 -31.54 -3.07 -11.63
N ALA A 36 -30.35 -2.55 -11.89
CA ALA A 36 -30.12 -1.12 -11.84
C ALA A 36 -31.08 -0.41 -12.80
N GLN A 37 -31.18 -0.98 -14.00
CA GLN A 37 -32.04 -0.42 -15.02
C GLN A 37 -33.47 -0.30 -14.50
N LYS A 38 -34.06 -1.45 -14.18
CA LYS A 38 -35.42 -1.49 -13.66
C LYS A 38 -35.58 -0.42 -12.58
N ALA A 39 -34.67 -0.47 -11.61
CA ALA A 39 -34.70 0.48 -10.51
C ALA A 39 -34.64 1.91 -11.07
N LEU A 40 -33.54 2.19 -11.76
CA LEU A 40 -33.36 3.50 -12.35
C LEU A 40 -34.68 3.97 -12.96
N ALA A 41 -35.13 3.23 -13.96
CA ALA A 41 -36.37 3.56 -14.64
C ALA A 41 -37.40 4.01 -13.61
N SER A 42 -37.74 3.09 -12.71
CA SER A 42 -38.72 3.37 -11.67
C SER A 42 -38.46 4.76 -11.09
N THR A 43 -37.25 4.95 -10.58
CA THR A 43 -36.86 6.22 -9.99
C THR A 43 -36.23 7.12 -11.04
N GLY A 44 -36.72 6.98 -12.27
CA GLY A 44 -36.20 7.79 -13.37
C GLY A 44 -34.73 7.46 -13.65
N GLY A 45 -33.87 8.04 -12.82
CA GLY A 45 -32.44 7.81 -12.97
C GLY A 45 -31.66 9.07 -12.60
N ARG A 46 -31.82 9.51 -11.36
CA ARG A 46 -31.14 10.70 -10.88
C ARG A 46 -30.03 10.31 -9.90
N SER A 47 -30.44 9.60 -8.85
CA SER A 47 -29.50 9.15 -7.83
C SER A 47 -29.54 7.63 -7.70
N VAL A 48 -28.41 7.07 -7.31
CA VAL A 48 -28.30 5.64 -7.14
C VAL A 48 -28.88 5.24 -5.79
N GLN A 49 -28.72 6.13 -4.82
CA GLN A 49 -29.23 5.89 -3.49
C GLN A 49 -30.73 5.61 -3.53
N THR A 50 -31.46 6.58 -4.05
CA THR A 50 -32.91 6.45 -4.15
C THR A 50 -33.28 5.13 -4.82
N ALA A 51 -32.66 4.88 -5.97
CA ALA A 51 -32.91 3.66 -6.72
C ALA A 51 -32.65 2.46 -5.81
N CYS A 52 -31.49 2.48 -5.17
CA CYS A 52 -31.11 1.39 -4.28
C CYS A 52 -32.28 1.10 -3.35
N ASP A 53 -32.78 2.16 -2.72
CA ASP A 53 -33.90 2.02 -1.80
C ASP A 53 -35.01 1.21 -2.47
N TRP A 54 -35.29 1.57 -3.71
CA TRP A 54 -36.32 0.88 -4.47
C TRP A 54 -35.93 -0.59 -4.59
N LEU A 55 -34.72 -0.81 -5.09
CA LEU A 55 -34.21 -2.16 -5.25
C LEU A 55 -34.56 -2.98 -4.02
N PHE A 56 -33.99 -2.59 -2.90
CA PHE A 56 -34.23 -3.28 -1.64
C PHE A 56 -35.72 -3.30 -1.30
N SER A 57 -36.29 -2.11 -1.21
CA SER A 57 -37.70 -1.97 -0.90
C SER A 57 -38.52 -2.96 -1.72
N HIS A 58 -38.94 -4.03 -1.06
CA HIS A 58 -39.73 -5.06 -1.73
C HIS A 58 -40.97 -4.42 -2.35
N SER A 59 -41.87 -3.96 -1.49
CA SER A 59 -43.10 -3.33 -1.95
C SER A 59 -43.73 -2.54 -0.80
N GLY A 60 -43.82 -1.24 -1.01
CA GLY A 60 -44.40 -0.35 -0.01
C GLY A 60 -43.35 0.60 0.56
N PRO A 61 -43.85 1.72 1.14
CA PRO A 61 -42.97 2.72 1.73
C PRO A 61 -42.40 2.24 3.06
N SER A 62 -41.49 1.27 2.96
CA SER A 62 -40.86 0.71 4.14
C SER A 62 -39.52 0.08 3.76
N SER A 63 -38.50 0.91 3.77
CA SER A 63 -37.16 0.45 3.44
C SER A 63 -36.20 0.75 4.59
N GLY A 64 -36.10 2.03 4.93
CA GLY A 64 -35.23 2.46 6.01
C GLY A 64 -35.16 3.99 6.08
N GLY A 1 16.76 -6.61 -15.06
CA GLY A 1 15.78 -5.58 -15.39
C GLY A 1 14.71 -5.47 -14.29
N SER A 2 14.98 -4.61 -13.33
CA SER A 2 14.06 -4.41 -12.23
C SER A 2 14.03 -2.92 -11.84
N SER A 3 12.81 -2.42 -11.68
CA SER A 3 12.62 -1.03 -11.31
C SER A 3 12.18 -0.92 -9.86
N GLY A 4 11.06 -1.57 -9.56
CA GLY A 4 10.52 -1.55 -8.21
C GLY A 4 8.99 -1.59 -8.23
N SER A 5 8.46 -2.81 -8.18
CA SER A 5 7.03 -3.01 -8.18
C SER A 5 6.61 -3.87 -6.99
N SER A 6 5.43 -3.57 -6.48
CA SER A 6 4.90 -4.30 -5.34
C SER A 6 3.43 -3.95 -5.12
N GLY A 7 3.20 -2.66 -4.91
CA GLY A 7 1.85 -2.17 -4.67
C GLY A 7 1.34 -2.60 -3.30
N ARG A 8 0.20 -2.04 -2.92
CA ARG A 8 -0.40 -2.35 -1.64
C ARG A 8 0.66 -2.39 -0.54
N ASN A 9 0.93 -1.22 0.01
CA ASN A 9 1.92 -1.10 1.07
C ASN A 9 1.68 -2.19 2.12
N ARG A 10 2.76 -2.79 2.57
CA ARG A 10 2.68 -3.84 3.57
C ARG A 10 3.70 -3.60 4.68
N GLN A 11 3.19 -3.42 5.89
CA GLN A 11 4.04 -3.18 7.05
C GLN A 11 3.20 -3.02 8.31
N GLN A 12 3.44 -3.92 9.26
CA GLN A 12 2.72 -3.89 10.52
C GLN A 12 3.68 -4.09 11.69
N ARG A 13 4.32 -2.99 12.06
CA ARG A 13 5.28 -3.02 13.16
C ARG A 13 6.47 -3.92 12.81
N PRO A 14 7.64 -3.54 13.38
CA PRO A 14 8.86 -4.31 13.14
C PRO A 14 8.86 -5.62 13.93
N GLY A 15 9.75 -6.52 13.53
CA GLY A 15 9.85 -7.81 14.19
C GLY A 15 11.12 -7.88 15.04
N THR A 16 10.92 -8.17 16.32
CA THR A 16 12.03 -8.28 17.25
C THR A 16 12.86 -9.54 16.96
N ILE A 17 12.28 -10.40 16.15
CA ILE A 17 12.93 -11.65 15.78
C ILE A 17 14.12 -11.33 14.87
N LYS A 18 15.19 -12.09 15.06
CA LYS A 18 16.40 -11.91 14.25
C LYS A 18 17.02 -10.55 14.60
N HIS A 19 18.29 -10.41 14.23
CA HIS A 19 19.01 -9.18 14.50
C HIS A 19 19.31 -8.47 13.18
N GLY A 20 20.12 -9.13 12.36
CA GLY A 20 20.49 -8.57 11.06
C GLY A 20 19.38 -8.78 10.04
N SER A 21 19.59 -8.22 8.86
CA SER A 21 18.62 -8.34 7.79
C SER A 21 19.10 -9.36 6.75
N ALA A 22 18.15 -10.04 6.14
CA ALA A 22 18.46 -11.04 5.13
C ALA A 22 19.56 -10.48 4.20
N LEU A 23 19.41 -9.21 3.88
CA LEU A 23 20.37 -8.55 3.00
C LEU A 23 21.69 -8.36 3.75
N ASP A 24 21.59 -7.74 4.92
CA ASP A 24 22.76 -7.49 5.74
C ASP A 24 23.56 -8.79 5.89
N VAL A 25 22.83 -9.89 5.99
CA VAL A 25 23.46 -11.19 6.14
C VAL A 25 24.37 -11.44 4.93
N LEU A 26 23.79 -11.31 3.76
CA LEU A 26 24.54 -11.51 2.52
C LEU A 26 25.78 -10.61 2.52
N LEU A 27 25.58 -9.39 2.98
CA LEU A 27 26.67 -8.43 3.04
C LEU A 27 27.80 -8.99 3.90
N SER A 28 27.41 -9.71 4.93
CA SER A 28 28.37 -10.31 5.84
C SER A 28 29.10 -11.45 5.14
N MET A 29 28.37 -12.16 4.30
CA MET A 29 28.93 -13.28 3.56
C MET A 29 30.04 -12.81 2.61
N GLY A 30 29.94 -11.54 2.23
CA GLY A 30 30.93 -10.96 1.34
C GLY A 30 30.30 -10.61 -0.02
N PHE A 31 29.00 -10.35 0.02
CA PHE A 31 28.27 -10.01 -1.18
C PHE A 31 27.88 -8.53 -1.18
N PRO A 32 27.88 -7.93 -2.40
CA PRO A 32 27.53 -6.53 -2.56
C PRO A 32 26.02 -6.33 -2.43
N ARG A 33 25.64 -5.27 -1.72
CA ARG A 33 24.24 -4.96 -1.52
C ARG A 33 23.45 -5.23 -2.81
N ALA A 34 23.85 -4.53 -3.86
CA ALA A 34 23.19 -4.68 -5.14
C ALA A 34 22.97 -6.17 -5.44
N ARG A 35 24.07 -6.88 -5.56
CA ARG A 35 24.03 -8.30 -5.83
C ARG A 35 22.90 -8.95 -5.04
N ALA A 36 23.02 -8.87 -3.72
CA ALA A 36 22.02 -9.45 -2.84
C ALA A 36 20.65 -8.86 -3.18
N GLN A 37 20.65 -7.57 -3.46
CA GLN A 37 19.41 -6.88 -3.81
C GLN A 37 18.79 -7.50 -5.05
N LYS A 38 19.56 -7.51 -6.13
CA LYS A 38 19.10 -8.06 -7.38
C LYS A 38 18.49 -9.44 -7.13
N ALA A 39 19.20 -10.22 -6.31
CA ALA A 39 18.75 -11.56 -5.98
C ALA A 39 17.48 -11.48 -5.12
N LEU A 40 17.66 -10.92 -3.93
CA LEU A 40 16.54 -10.76 -3.01
C LEU A 40 15.30 -10.30 -3.78
N ALA A 41 15.44 -9.16 -4.43
CA ALA A 41 14.33 -8.60 -5.20
C ALA A 41 13.70 -9.71 -6.05
N SER A 42 14.50 -10.24 -6.97
CA SER A 42 14.03 -11.30 -7.84
C SER A 42 13.26 -12.35 -7.04
N THR A 43 13.89 -12.81 -5.97
CA THR A 43 13.27 -13.80 -5.11
C THR A 43 12.51 -13.13 -3.97
N GLY A 44 12.00 -11.95 -4.27
CA GLY A 44 11.25 -11.18 -3.28
C GLY A 44 12.15 -10.76 -2.13
N GLY A 45 12.36 -11.67 -1.20
CA GLY A 45 13.19 -11.40 -0.04
C GLY A 45 12.70 -12.16 1.18
N ARG A 46 12.67 -13.49 1.04
CA ARG A 46 12.22 -14.34 2.12
C ARG A 46 13.41 -15.10 2.72
N SER A 47 14.09 -15.84 1.86
CA SER A 47 15.24 -16.62 2.28
C SER A 47 16.48 -16.19 1.49
N VAL A 48 17.62 -16.23 2.16
CA VAL A 48 18.88 -15.86 1.53
C VAL A 48 19.42 -17.05 0.75
N GLN A 49 19.05 -18.24 1.22
CA GLN A 49 19.49 -19.46 0.58
C GLN A 49 19.00 -19.52 -0.87
N THR A 50 17.72 -19.21 -1.04
CA THR A 50 17.12 -19.22 -2.36
C THR A 50 17.79 -18.17 -3.26
N ALA A 51 17.97 -16.99 -2.69
CA ALA A 51 18.59 -15.89 -3.42
C ALA A 51 20.00 -16.32 -3.86
N CYS A 52 20.72 -16.90 -2.92
CA CYS A 52 22.09 -17.35 -3.19
C CYS A 52 22.05 -18.22 -4.44
N ASP A 53 21.16 -19.21 -4.42
CA ASP A 53 21.02 -20.12 -5.54
C ASP A 53 20.82 -19.31 -6.83
N TRP A 54 19.93 -18.34 -6.74
CA TRP A 54 19.63 -17.49 -7.89
C TRP A 54 20.93 -16.83 -8.33
N LEU A 55 21.57 -16.17 -7.38
CA LEU A 55 22.83 -15.48 -7.66
C LEU A 55 23.71 -16.37 -8.54
N PHE A 56 24.13 -17.49 -7.97
CA PHE A 56 24.97 -18.42 -8.70
C PHE A 56 24.30 -18.86 -10.00
N SER A 57 23.02 -19.18 -9.91
CA SER A 57 22.26 -19.61 -11.06
C SER A 57 22.49 -18.64 -12.23
N HIS A 58 22.27 -17.36 -11.94
CA HIS A 58 22.45 -16.32 -12.94
C HIS A 58 23.88 -15.78 -12.87
N SER A 59 24.83 -16.63 -13.20
CA SER A 59 26.23 -16.23 -13.17
C SER A 59 26.49 -15.35 -11.95
N GLY A 60 26.84 -16.00 -10.85
CA GLY A 60 27.12 -15.29 -9.61
C GLY A 60 28.63 -15.22 -9.36
N PRO A 61 28.99 -14.51 -8.25
CA PRO A 61 30.40 -14.36 -7.89
C PRO A 61 30.94 -15.65 -7.28
N SER A 62 32.20 -15.92 -7.56
CA SER A 62 32.86 -17.10 -7.05
C SER A 62 34.19 -16.73 -6.39
N SER A 63 34.27 -17.01 -5.09
CA SER A 63 35.47 -16.71 -4.33
C SER A 63 36.00 -15.33 -4.72
N GLY A 64 35.42 -14.31 -4.09
CA GLY A 64 35.83 -12.94 -4.36
C GLY A 64 34.70 -11.97 -4.04
N GLY A 1 16.76 -6.61 -15.06
CA GLY A 1 15.78 -5.58 -15.39
C GLY A 1 16.25 -4.21 -14.93
N SER A 2 17.17 -3.65 -15.70
CA SER A 2 17.72 -2.33 -15.39
C SER A 2 18.61 -1.85 -16.53
N SER A 3 18.89 -0.56 -16.50
CA SER A 3 19.73 0.04 -17.52
C SER A 3 20.78 0.96 -16.88
N GLY A 4 22.00 0.47 -16.83
CA GLY A 4 23.09 1.23 -16.24
C GLY A 4 22.88 1.41 -14.73
N SER A 5 23.52 0.53 -13.98
CA SER A 5 23.42 0.59 -12.53
C SER A 5 24.81 0.59 -11.90
N SER A 6 25.40 1.77 -11.85
CA SER A 6 26.73 1.93 -11.29
C SER A 6 26.86 1.06 -10.03
N GLY A 7 28.10 0.67 -9.75
CA GLY A 7 28.37 -0.15 -8.57
C GLY A 7 29.56 0.39 -7.79
N ARG A 8 29.29 0.75 -6.54
CA ARG A 8 30.33 1.29 -5.68
C ARG A 8 30.30 0.58 -4.31
N ASN A 9 29.18 0.71 -3.64
CA ASN A 9 29.00 0.09 -2.34
C ASN A 9 28.11 -1.14 -2.48
N ARG A 10 26.94 -0.94 -3.05
CA ARG A 10 26.00 -2.01 -3.24
C ARG A 10 26.44 -2.92 -4.39
N GLN A 11 26.26 -4.22 -4.19
CA GLN A 11 26.65 -5.19 -5.21
C GLN A 11 25.52 -6.18 -5.45
N GLN A 12 25.11 -6.85 -4.37
CA GLN A 12 24.04 -7.82 -4.46
C GLN A 12 22.80 -7.32 -3.72
N ARG A 13 21.67 -7.96 -3.99
CA ARG A 13 20.42 -7.58 -3.37
C ARG A 13 20.43 -7.98 -1.89
N PRO A 14 19.71 -7.17 -1.07
CA PRO A 14 19.62 -7.43 0.35
C PRO A 14 18.68 -8.61 0.64
N GLY A 15 19.12 -9.79 0.20
CA GLY A 15 18.34 -11.00 0.41
C GLY A 15 19.11 -12.01 1.26
N THR A 16 18.46 -12.43 2.34
CA THR A 16 19.08 -13.40 3.24
C THR A 16 18.01 -14.33 3.81
N ILE A 17 18.39 -15.60 3.93
CA ILE A 17 17.48 -16.60 4.46
C ILE A 17 17.02 -16.18 5.86
N LYS A 18 15.71 -16.26 6.06
CA LYS A 18 15.13 -15.89 7.34
C LYS A 18 15.56 -14.46 7.70
N HIS A 19 14.87 -13.50 7.09
CA HIS A 19 15.18 -12.10 7.34
C HIS A 19 15.09 -11.80 8.84
N GLY A 20 13.89 -12.02 9.38
CA GLY A 20 13.66 -11.79 10.79
C GLY A 20 12.89 -10.47 11.01
N SER A 21 12.17 -10.43 12.12
CA SER A 21 11.40 -9.24 12.46
C SER A 21 11.16 -9.19 13.97
N ALA A 22 11.28 -7.99 14.51
CA ALA A 22 11.08 -7.78 15.94
C ALA A 22 9.89 -8.63 16.41
N LEU A 23 8.83 -8.59 15.62
CA LEU A 23 7.63 -9.35 15.94
C LEU A 23 7.93 -10.85 15.79
N ASP A 24 8.53 -11.19 14.66
CA ASP A 24 8.86 -12.58 14.39
C ASP A 24 9.70 -13.13 15.54
N VAL A 25 10.56 -12.27 16.08
CA VAL A 25 11.43 -12.66 17.17
C VAL A 25 10.57 -13.08 18.37
N LEU A 26 9.74 -12.14 18.81
CA LEU A 26 8.87 -12.40 19.94
C LEU A 26 8.10 -13.70 19.70
N LEU A 27 7.72 -13.90 18.45
CA LEU A 27 6.98 -15.09 18.07
C LEU A 27 7.85 -16.32 18.33
N SER A 28 9.13 -16.19 18.03
CA SER A 28 10.06 -17.27 18.22
C SER A 28 10.17 -17.62 19.71
N MET A 29 10.07 -16.59 20.53
CA MET A 29 10.15 -16.78 21.97
C MET A 29 8.98 -17.62 22.48
N GLY A 30 7.90 -17.60 21.73
CA GLY A 30 6.72 -18.36 22.10
C GLY A 30 5.54 -17.43 22.42
N PHE A 31 5.56 -16.26 21.78
CA PHE A 31 4.51 -15.28 22.01
C PHE A 31 3.62 -15.14 20.77
N PRO A 32 2.31 -14.90 21.02
CA PRO A 32 1.35 -14.75 19.94
C PRO A 32 1.51 -13.39 19.25
N ARG A 33 1.09 -13.34 18.00
CA ARG A 33 1.17 -12.11 17.22
C ARG A 33 0.56 -10.95 18.01
N ALA A 34 -0.74 -11.01 18.19
CA ALA A 34 -1.45 -9.98 18.91
C ALA A 34 -0.63 -9.54 20.12
N ARG A 35 -0.22 -10.54 20.91
CA ARG A 35 0.58 -10.28 22.09
C ARG A 35 1.70 -9.29 21.78
N ALA A 36 2.62 -9.73 20.93
CA ALA A 36 3.74 -8.89 20.54
C ALA A 36 3.21 -7.62 19.87
N GLN A 37 2.28 -7.81 18.96
CA GLN A 37 1.69 -6.69 18.25
C GLN A 37 1.27 -5.60 19.23
N LYS A 38 0.40 -5.98 20.16
CA LYS A 38 -0.09 -5.05 21.16
C LYS A 38 1.09 -4.29 21.77
N ALA A 39 2.00 -5.05 22.35
CA ALA A 39 3.19 -4.47 22.96
C ALA A 39 3.89 -3.57 21.95
N LEU A 40 4.33 -4.18 20.87
CA LEU A 40 5.01 -3.45 19.81
C LEU A 40 4.32 -2.10 19.60
N ALA A 41 3.07 -2.17 19.19
CA ALA A 41 2.29 -0.98 18.95
C ALA A 41 2.58 0.06 20.05
N SER A 42 2.22 -0.32 21.27
CA SER A 42 2.44 0.56 22.41
C SER A 42 3.84 1.18 22.33
N THR A 43 4.83 0.30 22.23
CA THR A 43 6.22 0.75 22.14
C THR A 43 6.62 0.95 20.68
N GLY A 44 5.65 1.36 19.88
CA GLY A 44 5.90 1.60 18.47
C GLY A 44 6.31 0.30 17.76
N GLY A 45 7.57 -0.05 17.92
CA GLY A 45 8.10 -1.25 17.32
C GLY A 45 9.57 -1.07 16.90
N ARG A 46 10.39 -0.76 17.89
CA ARG A 46 11.81 -0.54 17.66
C ARG A 46 12.62 -1.70 18.24
N SER A 47 12.42 -1.94 19.52
CA SER A 47 13.12 -3.02 20.20
C SER A 47 12.12 -3.99 20.81
N VAL A 48 12.55 -5.24 20.93
CA VAL A 48 11.71 -6.28 21.49
C VAL A 48 11.80 -6.24 23.01
N GLN A 49 12.95 -5.77 23.50
CA GLN A 49 13.16 -5.67 24.94
C GLN A 49 12.14 -4.73 25.57
N THR A 50 12.13 -3.50 25.07
CA THR A 50 11.21 -2.50 25.58
C THR A 50 9.78 -3.06 25.62
N ALA A 51 9.38 -3.66 24.51
CA ALA A 51 8.05 -4.24 24.41
C ALA A 51 7.81 -5.17 25.60
N CYS A 52 8.74 -6.10 25.78
CA CYS A 52 8.66 -7.05 26.87
C CYS A 52 8.26 -6.30 28.14
N ASP A 53 9.05 -5.28 28.45
CA ASP A 53 8.80 -4.47 29.63
C ASP A 53 7.32 -4.08 29.67
N TRP A 54 6.84 -3.62 28.53
CA TRP A 54 5.45 -3.20 28.41
C TRP A 54 4.57 -4.44 28.65
N LEU A 55 4.90 -5.50 27.93
CA LEU A 55 4.16 -6.74 28.06
C LEU A 55 3.89 -7.04 29.54
N PHE A 56 4.96 -7.34 30.25
CA PHE A 56 4.85 -7.64 31.67
C PHE A 56 4.15 -6.50 32.42
N SER A 57 4.67 -5.30 32.22
CA SER A 57 4.11 -4.13 32.87
C SER A 57 3.69 -4.47 34.31
N HIS A 58 4.66 -4.40 35.20
CA HIS A 58 4.42 -4.69 36.60
C HIS A 58 4.03 -3.41 37.34
N SER A 59 4.98 -2.48 37.38
CA SER A 59 4.75 -1.21 38.04
C SER A 59 5.28 -0.07 37.19
N GLY A 60 4.64 1.09 37.32
CA GLY A 60 5.04 2.25 36.56
C GLY A 60 3.81 3.07 36.12
N PRO A 61 4.07 4.37 35.82
CA PRO A 61 3.00 5.26 35.39
C PRO A 61 2.60 4.97 33.94
N SER A 62 3.57 5.15 33.04
CA SER A 62 3.33 4.92 31.62
C SER A 62 4.66 4.78 30.89
N SER A 63 4.62 4.04 29.80
CA SER A 63 5.82 3.82 29.00
C SER A 63 6.96 3.34 29.88
N GLY A 64 6.92 2.05 30.20
CA GLY A 64 7.95 1.46 31.04
C GLY A 64 8.53 0.20 30.38
N GLY A 1 16.76 -6.61 -15.06
CA GLY A 1 15.78 -5.58 -15.39
C GLY A 1 16.15 -4.25 -14.75
N SER A 2 15.31 -3.83 -13.80
CA SER A 2 15.54 -2.57 -13.11
C SER A 2 15.41 -2.77 -11.61
N SER A 3 14.23 -3.24 -11.20
CA SER A 3 13.95 -3.48 -9.81
C SER A 3 12.93 -4.61 -9.66
N GLY A 4 11.77 -4.41 -10.26
CA GLY A 4 10.71 -5.39 -10.20
C GLY A 4 9.39 -4.82 -10.70
N SER A 5 8.86 -5.43 -11.75
CA SER A 5 7.61 -4.99 -12.33
C SER A 5 7.24 -5.89 -13.51
N SER A 6 6.58 -6.99 -13.18
CA SER A 6 6.15 -7.95 -14.20
C SER A 6 4.65 -8.15 -14.12
N GLY A 7 4.19 -8.59 -12.96
CA GLY A 7 2.77 -8.82 -12.74
C GLY A 7 2.50 -10.30 -12.43
N ARG A 8 2.22 -11.06 -13.48
CA ARG A 8 1.94 -12.48 -13.31
C ARG A 8 2.03 -13.18 -14.67
N ASN A 9 2.15 -14.50 -14.61
CA ASN A 9 2.24 -15.31 -15.82
C ASN A 9 2.37 -16.78 -15.44
N ARG A 10 1.92 -17.64 -16.34
CA ARG A 10 1.98 -19.07 -16.10
C ARG A 10 2.64 -19.77 -17.29
N GLN A 11 3.95 -19.93 -17.20
CA GLN A 11 4.71 -20.58 -18.25
C GLN A 11 5.22 -21.94 -17.78
N GLN A 12 5.43 -22.03 -16.47
CA GLN A 12 5.93 -23.27 -15.89
C GLN A 12 4.80 -23.98 -15.13
N ARG A 13 4.87 -25.30 -15.13
CA ARG A 13 3.86 -26.10 -14.45
C ARG A 13 4.49 -26.84 -13.27
N PRO A 14 4.35 -26.21 -12.07
CA PRO A 14 4.90 -26.80 -10.86
C PRO A 14 4.04 -27.96 -10.37
N GLY A 15 4.57 -29.17 -10.56
CA GLY A 15 3.86 -30.37 -10.15
C GLY A 15 4.83 -31.44 -9.67
N THR A 16 4.28 -32.58 -9.31
CA THR A 16 5.09 -33.69 -8.83
C THR A 16 5.85 -34.34 -9.99
N ILE A 17 6.76 -35.23 -9.63
CA ILE A 17 7.56 -35.91 -10.63
C ILE A 17 7.20 -37.41 -10.63
N LYS A 18 6.47 -37.82 -11.65
CA LYS A 18 6.06 -39.20 -11.78
C LYS A 18 5.65 -39.74 -10.41
N HIS A 19 4.77 -38.98 -9.75
CA HIS A 19 4.29 -39.36 -8.43
C HIS A 19 5.45 -39.27 -7.43
N GLY A 20 5.09 -38.95 -6.20
CA GLY A 20 6.07 -38.83 -5.13
C GLY A 20 5.45 -39.12 -3.77
N SER A 21 6.29 -39.11 -2.75
CA SER A 21 5.84 -39.35 -1.39
C SER A 21 5.73 -38.04 -0.62
N ALA A 22 4.76 -37.98 0.26
CA ALA A 22 4.54 -36.79 1.07
C ALA A 22 5.89 -36.23 1.52
N LEU A 23 6.77 -37.14 1.90
CA LEU A 23 8.10 -36.75 2.36
C LEU A 23 8.90 -36.23 1.17
N ASP A 24 9.03 -37.07 0.16
CA ASP A 24 9.77 -36.69 -1.03
C ASP A 24 9.29 -35.32 -1.52
N VAL A 25 8.00 -35.09 -1.36
CA VAL A 25 7.41 -33.83 -1.77
C VAL A 25 8.10 -32.68 -1.03
N LEU A 26 8.09 -32.77 0.29
CA LEU A 26 8.71 -31.75 1.11
C LEU A 26 10.16 -31.55 0.67
N LEU A 27 10.79 -32.65 0.29
CA LEU A 27 12.18 -32.61 -0.16
C LEU A 27 12.26 -31.76 -1.43
N SER A 28 11.18 -31.80 -2.20
CA SER A 28 11.12 -31.04 -3.44
C SER A 28 11.00 -29.55 -3.14
N MET A 29 10.29 -29.26 -2.06
CA MET A 29 10.09 -27.87 -1.66
C MET A 29 11.41 -27.22 -1.22
N GLY A 30 12.34 -28.08 -0.80
CA GLY A 30 13.64 -27.61 -0.36
C GLY A 30 13.85 -27.87 1.12
N PHE A 31 13.15 -28.89 1.62
CA PHE A 31 13.25 -29.25 3.01
C PHE A 31 14.04 -30.54 3.19
N PRO A 32 14.81 -30.60 4.32
CA PRO A 32 15.62 -31.77 4.62
C PRO A 32 14.75 -32.93 5.11
N ARG A 33 15.11 -34.13 4.65
CA ARG A 33 14.37 -35.32 5.03
C ARG A 33 13.96 -35.25 6.50
N ALA A 34 14.96 -35.13 7.36
CA ALA A 34 14.71 -35.04 8.79
C ALA A 34 13.53 -34.11 9.04
N ARG A 35 13.72 -32.86 8.68
CA ARG A 35 12.67 -31.86 8.86
C ARG A 35 11.31 -32.46 8.54
N ALA A 36 11.18 -32.89 7.29
CA ALA A 36 9.92 -33.47 6.84
C ALA A 36 9.57 -34.66 7.74
N GLN A 37 10.59 -35.44 8.07
CA GLN A 37 10.40 -36.61 8.91
C GLN A 37 9.83 -36.19 10.27
N LYS A 38 10.62 -35.42 11.01
CA LYS A 38 10.22 -34.94 12.31
C LYS A 38 8.78 -34.43 12.24
N ALA A 39 8.52 -33.62 11.23
CA ALA A 39 7.18 -33.07 11.03
C ALA A 39 6.19 -34.20 10.79
N LEU A 40 6.43 -34.93 9.71
CA LEU A 40 5.57 -36.05 9.35
C LEU A 40 5.19 -36.81 10.63
N ALA A 41 6.20 -37.15 11.41
CA ALA A 41 5.99 -37.87 12.65
C ALA A 41 4.93 -37.16 13.48
N SER A 42 5.25 -35.94 13.88
CA SER A 42 4.34 -35.14 14.68
C SER A 42 2.92 -35.23 14.09
N THR A 43 2.86 -35.07 12.77
CA THR A 43 1.58 -35.12 12.08
C THR A 43 1.37 -36.51 11.46
N GLY A 44 1.89 -37.52 12.15
CA GLY A 44 1.77 -38.89 11.68
C GLY A 44 2.40 -39.05 10.30
N GLY A 45 1.59 -38.81 9.27
CA GLY A 45 2.05 -38.93 7.91
C GLY A 45 0.88 -39.10 6.94
N ARG A 46 0.03 -38.09 6.91
CA ARG A 46 -1.14 -38.12 6.04
C ARG A 46 -0.94 -37.17 4.86
N SER A 47 -0.69 -35.91 5.18
CA SER A 47 -0.48 -34.90 4.17
C SER A 47 0.82 -34.14 4.45
N VAL A 48 1.25 -33.39 3.44
CA VAL A 48 2.48 -32.61 3.56
C VAL A 48 2.15 -31.25 4.19
N GLN A 49 0.95 -30.78 3.88
CA GLN A 49 0.51 -29.49 4.40
C GLN A 49 0.60 -29.47 5.92
N THR A 50 -0.11 -30.40 6.55
CA THR A 50 -0.12 -30.49 7.99
C THR A 50 1.32 -30.41 8.53
N ALA A 51 2.22 -31.05 7.81
CA ALA A 51 3.63 -31.05 8.21
C ALA A 51 4.17 -29.61 8.16
N CYS A 52 3.98 -28.99 7.00
CA CYS A 52 4.44 -27.63 6.80
C CYS A 52 4.08 -26.82 8.05
N ASP A 53 2.80 -26.85 8.40
CA ASP A 53 2.31 -26.12 9.56
C ASP A 53 3.25 -26.37 10.74
N TRP A 54 3.43 -27.65 11.06
CA TRP A 54 4.29 -28.03 12.15
C TRP A 54 5.69 -27.48 11.87
N LEU A 55 6.16 -27.76 10.67
CA LEU A 55 7.48 -27.30 10.26
C LEU A 55 7.68 -25.85 10.72
N PHE A 56 6.59 -25.10 10.69
CA PHE A 56 6.62 -23.71 11.11
C PHE A 56 6.46 -23.58 12.62
N SER A 57 5.41 -24.21 13.13
CA SER A 57 5.13 -24.17 14.55
C SER A 57 5.19 -22.73 15.06
N HIS A 58 4.08 -22.03 14.90
CA HIS A 58 4.00 -20.65 15.34
C HIS A 58 4.04 -20.59 16.86
N SER A 59 4.88 -19.69 17.36
CA SER A 59 5.03 -19.52 18.80
C SER A 59 5.72 -18.19 19.10
N GLY A 60 4.91 -17.16 19.25
CA GLY A 60 5.43 -15.83 19.54
C GLY A 60 6.16 -15.82 20.89
N PRO A 61 6.83 -14.67 21.16
CA PRO A 61 7.57 -14.50 22.40
C PRO A 61 6.62 -14.27 23.59
N SER A 62 6.39 -15.32 24.34
CA SER A 62 5.50 -15.24 25.48
C SER A 62 5.57 -16.54 26.29
N SER A 63 5.25 -16.42 27.57
CA SER A 63 5.27 -17.58 28.46
C SER A 63 3.86 -17.87 28.96
N GLY A 64 3.12 -18.62 28.17
CA GLY A 64 1.75 -18.98 28.53
C GLY A 64 1.73 -20.24 29.39
N GLY A 1 16.76 -6.61 -15.06
CA GLY A 1 15.78 -5.58 -15.39
C GLY A 1 15.32 -4.85 -14.13
N SER A 2 14.12 -4.28 -14.22
CA SER A 2 13.55 -3.55 -13.10
C SER A 2 12.04 -3.74 -13.07
N SER A 3 11.46 -3.37 -11.93
CA SER A 3 10.01 -3.50 -11.75
C SER A 3 9.53 -2.47 -10.73
N GLY A 4 8.34 -1.95 -10.98
CA GLY A 4 7.75 -0.96 -10.09
C GLY A 4 6.35 -1.40 -9.64
N SER A 5 5.38 -1.13 -10.50
CA SER A 5 4.00 -1.48 -10.20
C SER A 5 3.55 -0.80 -8.91
N SER A 6 2.68 0.18 -9.07
CA SER A 6 2.15 0.93 -7.94
C SER A 6 0.86 1.65 -8.33
N GLY A 7 0.97 2.50 -9.34
CA GLY A 7 -0.18 3.24 -9.81
C GLY A 7 -0.92 3.91 -8.65
N ARG A 8 -0.58 5.18 -8.43
CA ARG A 8 -1.20 5.94 -7.35
C ARG A 8 -1.75 7.26 -7.89
N ASN A 9 -2.83 7.71 -7.26
CA ASN A 9 -3.46 8.95 -7.66
C ASN A 9 -4.11 9.61 -6.45
N ARG A 10 -3.34 10.50 -5.81
CA ARG A 10 -3.83 11.20 -4.64
C ARG A 10 -4.60 10.24 -3.73
N GLN A 11 -3.87 9.64 -2.81
CA GLN A 11 -4.47 8.71 -1.87
C GLN A 11 -3.50 8.41 -0.72
N GLN A 12 -4.01 8.61 0.49
CA GLN A 12 -3.20 8.38 1.69
C GLN A 12 -3.85 7.29 2.55
N ARG A 13 -5.07 7.56 2.98
CA ARG A 13 -5.80 6.62 3.81
C ARG A 13 -7.17 7.20 4.18
N PRO A 14 -8.15 6.27 4.35
CA PRO A 14 -9.50 6.67 4.70
C PRO A 14 -9.58 7.07 6.18
N GLY A 15 -10.58 7.88 6.48
CA GLY A 15 -10.78 8.35 7.85
C GLY A 15 -11.50 7.29 8.69
N THR A 16 -10.81 6.18 8.89
CA THR A 16 -11.37 5.08 9.66
C THR A 16 -10.37 4.63 10.73
N ILE A 17 -10.79 4.74 11.98
CA ILE A 17 -9.96 4.35 13.10
C ILE A 17 -10.76 3.49 14.06
N LYS A 18 -10.70 2.18 13.83
CA LYS A 18 -11.42 1.23 14.66
C LYS A 18 -10.72 -0.13 14.61
N HIS A 19 -9.50 -0.15 15.11
CA HIS A 19 -8.72 -1.37 15.11
C HIS A 19 -7.37 -1.12 15.78
N GLY A 20 -6.72 -2.20 16.17
CA GLY A 20 -5.41 -2.11 16.82
C GLY A 20 -5.27 -3.17 17.91
N SER A 21 -4.02 -3.40 18.30
CA SER A 21 -3.73 -4.39 19.32
C SER A 21 -3.90 -3.76 20.71
N ALA A 22 -4.30 -4.59 21.66
CA ALA A 22 -4.49 -4.13 23.02
C ALA A 22 -3.29 -3.28 23.45
N LEU A 23 -2.11 -3.76 23.09
CA LEU A 23 -0.88 -3.06 23.43
C LEU A 23 -0.75 -1.82 22.54
N ASP A 24 -0.95 -2.03 21.25
CA ASP A 24 -0.86 -0.93 20.30
C ASP A 24 -1.82 0.18 20.72
N VAL A 25 -2.91 -0.22 21.34
CA VAL A 25 -3.91 0.74 21.80
C VAL A 25 -3.27 1.67 22.84
N LEU A 26 -2.73 1.06 23.88
CA LEU A 26 -2.09 1.82 24.94
C LEU A 26 -1.06 2.77 24.33
N LEU A 27 -0.30 2.24 23.38
CA LEU A 27 0.73 3.02 22.72
C LEU A 27 0.08 4.26 22.09
N SER A 28 -1.10 4.06 21.53
CA SER A 28 -1.83 5.15 20.90
C SER A 28 -2.20 6.21 21.94
N MET A 29 -2.57 5.72 23.12
CA MET A 29 -2.95 6.60 24.21
C MET A 29 -1.79 7.49 24.64
N GLY A 30 -0.58 7.02 24.34
CA GLY A 30 0.62 7.76 24.68
C GLY A 30 1.42 7.02 25.77
N PHE A 31 1.16 5.73 25.88
CA PHE A 31 1.85 4.91 26.87
C PHE A 31 3.00 4.13 26.24
N PRO A 32 4.09 3.95 27.03
CA PRO A 32 5.25 3.23 26.56
C PRO A 32 4.98 1.72 26.54
N ARG A 33 5.43 1.08 25.47
CA ARG A 33 5.26 -0.35 25.31
C ARG A 33 5.45 -1.05 26.65
N ALA A 34 6.59 -0.81 27.26
CA ALA A 34 6.90 -1.41 28.55
C ALA A 34 5.69 -1.30 29.46
N ARG A 35 5.29 -0.06 29.73
CA ARG A 35 4.15 0.20 30.59
C ARG A 35 3.02 -0.79 30.27
N ALA A 36 2.54 -0.71 29.03
CA ALA A 36 1.47 -1.58 28.58
C ALA A 36 1.88 -3.04 28.79
N GLN A 37 3.13 -3.32 28.46
CA GLN A 37 3.65 -4.66 28.60
C GLN A 37 3.54 -5.13 30.05
N LYS A 38 4.27 -4.44 30.92
CA LYS A 38 4.26 -4.77 32.34
C LYS A 38 2.82 -5.01 32.79
N ALA A 39 1.97 -4.05 32.48
CA ALA A 39 0.56 -4.15 32.85
C ALA A 39 -0.03 -5.42 32.24
N LEU A 40 -0.03 -5.46 30.91
CA LEU A 40 -0.56 -6.61 30.20
C LEU A 40 -0.15 -7.89 30.92
N ALA A 41 1.15 -8.13 30.94
CA ALA A 41 1.68 -9.31 31.60
C ALA A 41 0.94 -9.54 32.91
N SER A 42 1.02 -8.55 33.79
CA SER A 42 0.35 -8.63 35.07
C SER A 42 -1.06 -9.19 34.90
N THR A 43 -1.82 -8.55 34.03
CA THR A 43 -3.18 -8.98 33.76
C THR A 43 -3.23 -9.89 32.54
N GLY A 44 -2.15 -10.65 32.36
CA GLY A 44 -2.07 -11.57 31.25
C GLY A 44 -1.97 -10.81 29.92
N GLY A 45 -3.13 -10.54 29.34
CA GLY A 45 -3.19 -9.82 28.08
C GLY A 45 -4.53 -10.07 27.38
N ARG A 46 -5.60 -9.63 28.03
CA ARG A 46 -6.93 -9.80 27.47
C ARG A 46 -7.49 -8.46 27.00
N SER A 47 -7.53 -7.51 27.93
CA SER A 47 -8.05 -6.19 27.64
C SER A 47 -7.08 -5.12 28.18
N VAL A 48 -7.30 -3.90 27.72
CA VAL A 48 -6.46 -2.79 28.16
C VAL A 48 -7.04 -2.19 29.44
N GLN A 49 -8.36 -2.27 29.55
CA GLN A 49 -9.04 -1.74 30.72
C GLN A 49 -8.36 -2.23 32.00
N THR A 50 -8.26 -3.55 32.12
CA THR A 50 -7.63 -4.15 33.28
C THR A 50 -6.22 -3.60 33.47
N ALA A 51 -5.50 -3.51 32.36
CA ALA A 51 -4.13 -3.00 32.39
C ALA A 51 -4.13 -1.60 33.01
N CYS A 52 -4.99 -0.75 32.47
CA CYS A 52 -5.10 0.61 32.95
C CYS A 52 -5.18 0.58 34.48
N ASP A 53 -6.22 -0.09 34.97
CA ASP A 53 -6.42 -0.22 36.40
C ASP A 53 -5.09 -0.52 37.08
N TRP A 54 -4.45 -1.59 36.62
CA TRP A 54 -3.18 -2.00 37.17
C TRP A 54 -2.22 -0.80 37.08
N LEU A 55 -2.06 -0.32 35.85
CA LEU A 55 -1.18 0.82 35.62
C LEU A 55 -1.34 1.83 36.74
N PHE A 56 -2.50 2.48 36.73
CA PHE A 56 -2.79 3.50 37.74
C PHE A 56 -2.61 2.93 39.15
N SER A 57 -3.23 1.78 39.38
CA SER A 57 -3.14 1.11 40.67
C SER A 57 -1.69 1.09 41.14
N HIS A 58 -1.53 0.85 42.44
CA HIS A 58 -0.20 0.79 43.03
C HIS A 58 -0.29 0.17 44.43
N SER A 59 -0.21 -1.15 44.46
CA SER A 59 -0.28 -1.87 45.72
C SER A 59 -1.50 -1.42 46.52
N GLY A 60 -2.57 -2.19 46.40
CA GLY A 60 -3.80 -1.88 47.10
C GLY A 60 -4.71 -3.11 47.19
N PRO A 61 -5.90 -2.90 47.82
CA PRO A 61 -6.86 -3.98 47.97
C PRO A 61 -7.57 -4.29 46.64
N SER A 62 -6.82 -4.92 45.75
CA SER A 62 -7.36 -5.27 44.44
C SER A 62 -8.31 -6.46 44.57
N SER A 63 -7.78 -7.55 45.10
CA SER A 63 -8.57 -8.76 45.28
C SER A 63 -9.28 -9.12 43.98
N GLY A 64 -8.56 -9.87 43.14
CA GLY A 64 -9.11 -10.29 41.86
C GLY A 64 -8.46 -11.59 41.40
N GLY A 1 16.76 -6.61 -15.06
CA GLY A 1 15.78 -5.58 -15.39
C GLY A 1 15.19 -4.97 -14.12
N SER A 2 15.44 -3.68 -13.95
CA SER A 2 14.95 -2.96 -12.79
C SER A 2 15.40 -1.50 -12.85
N SER A 3 14.50 -0.62 -12.44
CA SER A 3 14.80 0.80 -12.44
C SER A 3 13.59 1.59 -11.92
N GLY A 4 13.75 2.14 -10.73
CA GLY A 4 12.69 2.92 -10.11
C GLY A 4 12.24 2.28 -8.79
N SER A 5 12.41 3.02 -7.72
CA SER A 5 12.02 2.55 -6.40
C SER A 5 12.20 3.66 -5.36
N SER A 6 11.12 4.42 -5.18
CA SER A 6 11.13 5.52 -4.23
C SER A 6 9.95 5.39 -3.27
N GLY A 7 8.77 5.39 -3.85
CA GLY A 7 7.54 5.27 -3.06
C GLY A 7 6.54 6.37 -3.43
N ARG A 8 5.42 5.93 -3.98
CA ARG A 8 4.38 6.86 -4.39
C ARG A 8 3.19 6.79 -3.42
N ASN A 9 2.54 7.93 -3.25
CA ASN A 9 1.39 8.01 -2.37
C ASN A 9 0.87 9.45 -2.33
N ARG A 10 -0.38 9.57 -1.92
CA ARG A 10 -1.01 10.88 -1.85
C ARG A 10 -1.09 11.52 -3.24
N GLN A 11 -2.30 11.82 -3.65
CA GLN A 11 -2.53 12.43 -4.94
C GLN A 11 -3.76 13.33 -4.90
N GLN A 12 -3.50 14.64 -4.81
CA GLN A 12 -4.57 15.62 -4.76
C GLN A 12 -4.74 16.29 -6.13
N ARG A 13 -3.70 16.98 -6.55
CA ARG A 13 -3.72 17.66 -7.83
C ARG A 13 -2.73 17.00 -8.80
N PRO A 14 -3.09 17.07 -10.12
CA PRO A 14 -2.25 16.49 -11.15
C PRO A 14 -1.02 17.36 -11.40
N GLY A 15 -0.22 16.93 -12.38
CA GLY A 15 0.98 17.66 -12.74
C GLY A 15 2.08 17.45 -11.69
N THR A 16 1.88 18.08 -10.54
CA THR A 16 2.84 17.96 -9.46
C THR A 16 4.27 18.14 -9.98
N ILE A 17 4.41 19.07 -10.92
CA ILE A 17 5.70 19.35 -11.51
C ILE A 17 6.72 19.64 -10.40
N LYS A 18 7.98 19.35 -10.69
CA LYS A 18 9.04 19.58 -9.73
C LYS A 18 9.09 21.06 -9.38
N HIS A 19 8.80 21.35 -8.12
CA HIS A 19 8.82 22.72 -7.64
C HIS A 19 8.66 22.73 -6.12
N GLY A 20 9.77 22.41 -5.45
CA GLY A 20 9.78 22.38 -3.99
C GLY A 20 11.14 22.80 -3.45
N SER A 21 11.49 22.22 -2.30
CA SER A 21 12.76 22.53 -1.66
C SER A 21 13.91 22.23 -2.63
N ALA A 22 14.92 23.08 -2.58
CA ALA A 22 16.08 22.93 -3.43
C ALA A 22 16.49 21.45 -3.46
N LEU A 23 16.32 20.80 -2.33
CA LEU A 23 16.66 19.39 -2.21
C LEU A 23 15.52 18.55 -2.79
N ASP A 24 14.31 18.96 -2.48
CA ASP A 24 13.13 18.25 -2.96
C ASP A 24 13.10 18.32 -4.49
N VAL A 25 13.82 19.29 -5.03
CA VAL A 25 13.88 19.47 -6.46
C VAL A 25 14.76 18.37 -7.07
N LEU A 26 15.93 18.21 -6.48
CA LEU A 26 16.87 17.21 -6.96
C LEU A 26 16.24 15.82 -6.82
N LEU A 27 15.57 15.62 -5.70
CA LEU A 27 14.92 14.35 -5.43
C LEU A 27 13.85 14.10 -6.49
N SER A 28 13.32 15.19 -7.02
CA SER A 28 12.28 15.10 -8.04
C SER A 28 12.91 14.85 -9.41
N MET A 29 14.23 14.94 -9.43
CA MET A 29 14.98 14.73 -10.67
C MET A 29 15.48 13.28 -10.76
N GLY A 30 15.23 12.53 -9.70
CA GLY A 30 15.66 11.14 -9.65
C GLY A 30 17.02 11.01 -8.98
N PHE A 31 17.24 11.85 -7.98
CA PHE A 31 18.50 11.82 -7.25
C PHE A 31 18.27 11.54 -5.76
N PRO A 32 19.24 10.81 -5.17
CA PRO A 32 19.16 10.45 -3.76
C PRO A 32 19.47 11.66 -2.88
N ARG A 33 18.69 11.80 -1.81
CA ARG A 33 18.89 12.90 -0.89
C ARG A 33 20.37 13.13 -0.63
N ALA A 34 21.08 12.04 -0.40
CA ALA A 34 22.50 12.11 -0.15
C ALA A 34 23.18 12.93 -1.24
N ARG A 35 23.03 12.46 -2.47
CA ARG A 35 23.62 13.14 -3.61
C ARG A 35 23.25 14.63 -3.58
N ALA A 36 21.96 14.88 -3.50
CA ALA A 36 21.47 16.26 -3.47
C ALA A 36 22.12 16.99 -2.31
N GLN A 37 22.26 16.27 -1.20
CA GLN A 37 22.86 16.85 0.00
C GLN A 37 24.33 17.16 -0.25
N LYS A 38 25.08 16.11 -0.59
CA LYS A 38 26.50 16.27 -0.85
C LYS A 38 26.73 17.47 -1.77
N ALA A 39 25.91 17.55 -2.80
CA ALA A 39 26.01 18.64 -3.75
C ALA A 39 25.62 19.95 -3.06
N LEU A 40 24.39 19.97 -2.57
CA LEU A 40 23.89 21.16 -1.88
C LEU A 40 24.99 21.71 -0.96
N ALA A 41 25.40 20.86 -0.02
CA ALA A 41 26.44 21.26 0.91
C ALA A 41 27.61 21.86 0.15
N SER A 42 28.16 21.07 -0.75
CA SER A 42 29.29 21.50 -1.55
C SER A 42 29.06 22.94 -2.04
N THR A 43 27.91 23.13 -2.67
CA THR A 43 27.56 24.45 -3.19
C THR A 43 26.65 25.18 -2.21
N GLY A 44 26.85 24.89 -0.93
CA GLY A 44 26.06 25.52 0.12
C GLY A 44 24.60 25.04 0.06
N GLY A 45 23.92 25.44 -1.01
CA GLY A 45 22.53 25.07 -1.20
C GLY A 45 21.69 26.29 -1.60
N ARG A 46 22.07 26.90 -2.70
CA ARG A 46 21.36 28.07 -3.19
C ARG A 46 20.56 27.72 -4.44
N SER A 47 21.22 27.01 -5.35
CA SER A 47 20.58 26.61 -6.59
C SER A 47 20.87 25.13 -6.87
N VAL A 48 19.95 24.50 -7.58
CA VAL A 48 20.09 23.10 -7.92
C VAL A 48 20.92 22.97 -9.21
N GLN A 49 20.88 24.03 -10.00
CA GLN A 49 21.62 24.04 -11.26
C GLN A 49 23.12 24.01 -10.98
N THR A 50 23.55 24.87 -10.07
CA THR A 50 24.95 24.94 -9.71
C THR A 50 25.41 23.65 -9.03
N ALA A 51 24.50 23.08 -8.25
CA ALA A 51 24.79 21.84 -7.54
C ALA A 51 24.88 20.69 -8.54
N CYS A 52 23.93 20.69 -9.47
CA CYS A 52 23.89 19.65 -10.50
C CYS A 52 25.27 19.57 -11.14
N ASP A 53 25.82 20.73 -11.46
CA ASP A 53 27.14 20.80 -12.08
C ASP A 53 28.15 20.08 -11.20
N TRP A 54 28.07 20.36 -9.90
CA TRP A 54 28.97 19.75 -8.94
C TRP A 54 28.80 18.24 -9.03
N LEU A 55 27.56 17.81 -8.84
CA LEU A 55 27.25 16.38 -8.89
C LEU A 55 28.01 15.74 -10.05
N PHE A 56 27.70 16.19 -11.25
CA PHE A 56 28.35 15.67 -12.44
C PHE A 56 29.86 15.93 -12.39
N SER A 57 30.20 17.20 -12.24
CA SER A 57 31.60 17.59 -12.18
C SER A 57 32.33 16.81 -11.08
N HIS A 58 33.08 15.81 -11.51
CA HIS A 58 33.83 14.99 -10.57
C HIS A 58 35.20 15.60 -10.31
N SER A 59 35.38 16.11 -9.11
CA SER A 59 36.63 16.73 -8.72
C SER A 59 37.61 15.67 -8.21
N GLY A 60 37.19 14.99 -7.14
CA GLY A 60 38.01 13.96 -6.55
C GLY A 60 37.14 12.80 -6.05
N PRO A 61 37.82 11.86 -5.32
CA PRO A 61 37.12 10.71 -4.77
C PRO A 61 36.27 11.10 -3.56
N SER A 62 36.91 11.76 -2.61
CA SER A 62 36.22 12.19 -1.41
C SER A 62 36.55 13.66 -1.12
N SER A 63 35.59 14.52 -1.48
CA SER A 63 35.75 15.94 -1.27
C SER A 63 34.68 16.46 -0.31
N GLY A 64 35.14 16.99 0.81
CA GLY A 64 34.23 17.52 1.81
C GLY A 64 34.75 18.85 2.38
N GLY A 1 16.76 -6.61 -15.06
CA GLY A 1 15.78 -5.58 -15.39
C GLY A 1 15.37 -4.79 -14.14
N SER A 2 14.93 -3.57 -14.38
CA SER A 2 14.51 -2.70 -13.29
C SER A 2 13.38 -1.78 -13.77
N SER A 3 12.79 -1.09 -12.80
CA SER A 3 11.70 -0.17 -13.10
C SER A 3 11.48 0.79 -11.93
N GLY A 4 10.69 1.82 -12.18
CA GLY A 4 10.39 2.81 -11.16
C GLY A 4 8.94 2.68 -10.68
N SER A 5 8.41 3.80 -10.22
CA SER A 5 7.04 3.84 -9.73
C SER A 5 6.59 5.28 -9.51
N SER A 6 5.29 5.48 -9.59
CA SER A 6 4.73 6.80 -9.41
C SER A 6 3.20 6.74 -9.49
N GLY A 7 2.56 7.75 -8.91
CA GLY A 7 1.11 7.83 -8.92
C GLY A 7 0.62 9.19 -8.44
N ARG A 8 -0.69 9.38 -8.51
CA ARG A 8 -1.28 10.63 -8.08
C ARG A 8 -2.80 10.59 -8.29
N ASN A 9 -3.52 10.84 -7.19
CA ASN A 9 -4.96 10.83 -7.23
C ASN A 9 -5.51 11.61 -6.04
N ARG A 10 -6.69 12.18 -6.22
CA ARG A 10 -7.33 12.94 -5.16
C ARG A 10 -8.85 12.94 -5.35
N GLN A 11 -9.54 12.44 -4.34
CA GLN A 11 -10.99 12.37 -4.38
C GLN A 11 -11.60 13.42 -3.44
N GLN A 12 -11.27 14.68 -3.72
CA GLN A 12 -11.77 15.78 -2.92
C GLN A 12 -12.53 16.78 -3.79
N ARG A 13 -13.81 16.93 -3.50
CA ARG A 13 -14.65 17.84 -4.25
C ARG A 13 -15.87 18.24 -3.43
N PRO A 14 -16.41 19.45 -3.75
CA PRO A 14 -17.59 19.95 -3.05
C PRO A 14 -18.85 19.21 -3.50
N GLY A 15 -19.80 19.13 -2.57
CA GLY A 15 -21.06 18.47 -2.85
C GLY A 15 -21.75 18.01 -1.56
N THR A 16 -22.72 18.78 -1.14
CA THR A 16 -23.46 18.48 0.07
C THR A 16 -23.74 16.97 0.17
N ILE A 17 -23.41 16.40 1.31
CA ILE A 17 -23.61 14.99 1.54
C ILE A 17 -23.44 14.67 3.03
N LYS A 18 -24.31 13.83 3.54
CA LYS A 18 -24.26 13.44 4.94
C LYS A 18 -24.39 14.69 5.81
N HIS A 19 -24.65 14.46 7.08
CA HIS A 19 -24.79 15.56 8.03
C HIS A 19 -23.83 15.35 9.20
N GLY A 20 -24.07 14.26 9.93
CA GLY A 20 -23.24 13.94 11.08
C GLY A 20 -24.09 13.58 12.29
N SER A 21 -23.49 12.84 13.21
CA SER A 21 -24.18 12.42 14.42
C SER A 21 -24.82 13.63 15.09
N ALA A 22 -25.94 13.38 15.74
CA ALA A 22 -26.66 14.44 16.43
C ALA A 22 -25.70 15.21 17.33
N LEU A 23 -24.86 14.46 18.02
CA LEU A 23 -23.89 15.06 18.92
C LEU A 23 -22.80 15.76 18.09
N ASP A 24 -22.19 14.98 17.20
CA ASP A 24 -21.15 15.51 16.34
C ASP A 24 -21.63 16.81 15.69
N VAL A 25 -22.91 16.84 15.36
CA VAL A 25 -23.50 18.02 14.75
C VAL A 25 -23.27 19.23 15.66
N LEU A 26 -23.78 19.11 16.88
CA LEU A 26 -23.64 20.18 17.85
C LEU A 26 -22.17 20.61 17.94
N LEU A 27 -21.30 19.60 17.97
CA LEU A 27 -19.88 19.85 18.06
C LEU A 27 -19.45 20.72 16.87
N SER A 28 -20.12 20.52 15.75
CA SER A 28 -19.81 21.27 14.55
C SER A 28 -20.28 22.73 14.72
N MET A 29 -21.42 22.88 15.38
CA MET A 29 -21.99 24.20 15.61
C MET A 29 -21.07 25.04 16.49
N GLY A 30 -20.23 24.34 17.25
CA GLY A 30 -19.30 25.00 18.14
C GLY A 30 -19.67 24.75 19.61
N PHE A 31 -20.35 23.64 19.83
CA PHE A 31 -20.77 23.27 21.17
C PHE A 31 -19.90 22.15 21.73
N PRO A 32 -19.67 22.22 23.07
CA PRO A 32 -18.86 21.21 23.74
C PRO A 32 -19.63 19.90 23.90
N ARG A 33 -18.94 18.80 23.58
CA ARG A 33 -19.54 17.49 23.69
C ARG A 33 -20.42 17.41 24.94
N ALA A 34 -19.92 18.00 26.02
CA ALA A 34 -20.63 17.99 27.28
C ALA A 34 -22.02 18.59 27.07
N ARG A 35 -22.03 19.88 26.77
CA ARG A 35 -23.28 20.59 26.55
C ARG A 35 -24.24 19.72 25.74
N ALA A 36 -23.77 19.32 24.56
CA ALA A 36 -24.58 18.49 23.67
C ALA A 36 -24.96 17.21 24.40
N GLN A 37 -23.99 16.65 25.11
CA GLN A 37 -24.21 15.42 25.86
C GLN A 37 -25.33 15.62 26.89
N LYS A 38 -25.06 16.48 27.85
CA LYS A 38 -26.02 16.77 28.89
C LYS A 38 -27.41 16.95 28.27
N ALA A 39 -27.45 17.80 27.25
CA ALA A 39 -28.70 18.06 26.56
C ALA A 39 -29.25 16.76 25.98
N LEU A 40 -28.46 16.18 25.08
CA LEU A 40 -28.86 14.94 24.44
C LEU A 40 -29.49 14.01 25.47
N ALA A 41 -28.68 13.62 26.44
CA ALA A 41 -29.15 12.74 27.51
C ALA A 41 -30.56 13.17 27.93
N SER A 42 -30.64 14.38 28.45
CA SER A 42 -31.91 14.92 28.90
C SER A 42 -33.01 14.58 27.89
N THR A 43 -32.79 15.00 26.65
CA THR A 43 -33.75 14.75 25.59
C THR A 43 -33.41 13.44 24.88
N GLY A 44 -32.89 12.50 25.65
CA GLY A 44 -32.52 11.20 25.10
C GLY A 44 -31.39 11.33 24.09
N GLY A 45 -31.78 11.73 22.88
CA GLY A 45 -30.81 11.90 21.81
C GLY A 45 -31.43 11.51 20.46
N ARG A 46 -32.48 12.23 20.09
CA ARG A 46 -33.16 11.98 18.84
C ARG A 46 -32.89 13.11 17.84
N SER A 47 -33.21 14.32 18.27
CA SER A 47 -33.00 15.49 17.44
C SER A 47 -32.06 16.47 18.13
N VAL A 48 -31.32 17.21 17.32
CA VAL A 48 -30.37 18.18 17.84
C VAL A 48 -31.10 19.51 18.09
N GLN A 49 -32.23 19.65 17.43
CA GLN A 49 -33.02 20.86 17.57
C GLN A 49 -33.66 20.92 18.95
N THR A 50 -34.22 19.79 19.37
CA THR A 50 -34.86 19.70 20.67
C THR A 50 -33.84 19.96 21.78
N ALA A 51 -32.68 19.34 21.64
CA ALA A 51 -31.63 19.50 22.62
C ALA A 51 -31.24 20.98 22.72
N CYS A 52 -31.05 21.59 21.56
CA CYS A 52 -30.67 22.99 21.50
C CYS A 52 -31.62 23.77 22.43
N ASP A 53 -32.91 23.58 22.21
CA ASP A 53 -33.92 24.25 23.00
C ASP A 53 -33.59 24.08 24.49
N TRP A 54 -33.36 22.83 24.86
CA TRP A 54 -33.02 22.51 26.24
C TRP A 54 -31.76 23.28 26.62
N LEU A 55 -30.75 23.15 25.78
CA LEU A 55 -29.49 23.83 26.00
C LEU A 55 -29.76 25.27 26.44
N PHE A 56 -30.41 26.01 25.56
CA PHE A 56 -30.75 27.40 25.84
C PHE A 56 -31.57 27.52 27.12
N SER A 57 -32.67 26.78 27.14
CA SER A 57 -33.56 26.80 28.30
C SER A 57 -32.77 26.43 29.56
N HIS A 58 -33.22 26.99 30.68
CA HIS A 58 -32.58 26.73 31.94
C HIS A 58 -33.63 26.29 32.98
N SER A 59 -33.37 25.13 33.57
CA SER A 59 -34.28 24.58 34.56
C SER A 59 -33.49 23.83 35.63
N GLY A 60 -33.35 24.47 36.78
CA GLY A 60 -32.63 23.88 37.90
C GLY A 60 -33.35 24.12 39.22
N PRO A 61 -32.86 23.42 40.28
CA PRO A 61 -33.45 23.56 41.61
C PRO A 61 -33.06 24.89 42.25
N SER A 62 -31.78 25.21 42.13
CA SER A 62 -31.27 26.45 42.70
C SER A 62 -30.81 27.38 41.58
N SER A 63 -31.34 28.59 41.61
CA SER A 63 -30.99 29.59 40.60
C SER A 63 -30.62 30.91 41.28
N GLY A 64 -29.66 31.60 40.67
CA GLY A 64 -29.22 32.87 41.21
C GLY A 64 -28.24 32.66 42.37
N GLY A 1 16.76 -6.61 -15.06
CA GLY A 1 15.78 -5.58 -15.39
C GLY A 1 14.36 -6.06 -15.06
N SER A 2 13.43 -5.74 -15.96
CA SER A 2 12.04 -6.13 -15.78
C SER A 2 11.48 -5.44 -14.53
N SER A 3 10.19 -5.11 -14.61
CA SER A 3 9.52 -4.46 -13.51
C SER A 3 8.10 -5.01 -13.36
N GLY A 4 7.77 -5.41 -12.14
CA GLY A 4 6.45 -5.96 -11.87
C GLY A 4 6.46 -6.77 -10.57
N SER A 5 5.26 -7.02 -10.06
CA SER A 5 5.12 -7.78 -8.82
C SER A 5 4.21 -8.99 -9.07
N SER A 6 2.99 -8.69 -9.49
CA SER A 6 2.02 -9.73 -9.76
C SER A 6 0.87 -9.18 -10.61
N GLY A 7 1.08 -9.21 -11.92
CA GLY A 7 0.08 -8.72 -12.85
C GLY A 7 0.62 -8.71 -14.28
N ARG A 8 0.58 -9.87 -14.91
CA ARG A 8 1.06 -10.01 -16.27
C ARG A 8 2.56 -9.71 -16.33
N ASN A 9 3.35 -10.75 -16.15
CA ASN A 9 4.80 -10.61 -16.19
C ASN A 9 5.41 -11.89 -16.74
N ARG A 10 5.65 -11.88 -18.04
CA ARG A 10 6.24 -13.04 -18.70
C ARG A 10 7.68 -13.24 -18.24
N GLN A 11 8.48 -12.22 -18.46
CA GLN A 11 9.89 -12.27 -18.08
C GLN A 11 10.55 -13.51 -18.65
N GLN A 12 11.19 -13.34 -19.80
CA GLN A 12 11.87 -14.44 -20.46
C GLN A 12 13.05 -14.92 -19.60
N ARG A 13 13.10 -16.23 -19.42
CA ARG A 13 14.16 -16.83 -18.63
C ARG A 13 15.49 -16.78 -19.39
N PRO A 14 16.60 -16.76 -18.61
CA PRO A 14 17.93 -16.71 -19.20
C PRO A 14 18.32 -18.06 -19.78
N GLY A 15 17.80 -18.33 -20.97
CA GLY A 15 18.09 -19.59 -21.65
C GLY A 15 19.30 -19.44 -22.58
N THR A 16 19.82 -20.59 -22.99
CA THR A 16 20.97 -20.60 -23.89
C THR A 16 20.52 -20.47 -25.34
N ILE A 17 20.85 -19.33 -25.93
CA ILE A 17 20.49 -19.07 -27.31
C ILE A 17 21.73 -19.28 -28.20
N LYS A 18 22.88 -18.97 -27.63
CA LYS A 18 24.13 -19.12 -28.36
C LYS A 18 24.52 -20.60 -28.41
N HIS A 19 25.52 -20.89 -29.22
CA HIS A 19 26.01 -22.26 -29.36
C HIS A 19 26.96 -22.58 -28.22
N GLY A 20 28.08 -21.87 -28.21
CA GLY A 20 29.09 -22.07 -27.18
C GLY A 20 29.98 -23.26 -27.53
N SER A 21 30.71 -23.73 -26.52
CA SER A 21 31.60 -24.86 -26.69
C SER A 21 31.20 -25.99 -25.75
N ALA A 22 31.23 -27.20 -26.30
CA ALA A 22 30.88 -28.38 -25.52
C ALA A 22 31.48 -28.26 -24.12
N LEU A 23 32.71 -27.78 -24.08
CA LEU A 23 33.42 -27.62 -22.82
C LEU A 23 32.71 -26.55 -21.99
N ASP A 24 32.60 -25.36 -22.57
CA ASP A 24 31.95 -24.25 -21.90
C ASP A 24 30.65 -24.74 -21.26
N VAL A 25 29.91 -25.52 -22.02
CA VAL A 25 28.65 -26.06 -21.55
C VAL A 25 28.86 -26.73 -20.19
N LEU A 26 29.85 -27.61 -20.14
CA LEU A 26 30.16 -28.33 -18.92
C LEU A 26 30.44 -27.31 -17.80
N LEU A 27 31.14 -26.25 -18.17
CA LEU A 27 31.47 -25.20 -17.22
C LEU A 27 30.18 -24.58 -16.68
N SER A 28 29.18 -24.53 -17.54
CA SER A 28 27.91 -23.96 -17.16
C SER A 28 27.16 -24.92 -16.23
N MET A 29 27.39 -26.20 -16.45
CA MET A 29 26.76 -27.23 -15.64
C MET A 29 27.27 -27.18 -14.20
N GLY A 30 28.45 -26.61 -14.04
CA GLY A 30 29.06 -26.50 -12.73
C GLY A 30 30.30 -27.39 -12.61
N PHE A 31 30.88 -27.68 -13.76
CA PHE A 31 32.07 -28.52 -13.80
C PHE A 31 33.32 -27.71 -14.15
N PRO A 32 34.46 -28.12 -13.54
CA PRO A 32 35.72 -27.43 -13.78
C PRO A 32 36.28 -27.79 -15.15
N ARG A 33 36.84 -26.78 -15.80
CA ARG A 33 37.42 -26.96 -17.12
C ARG A 33 38.16 -28.31 -17.20
N ALA A 34 39.20 -28.42 -16.38
CA ALA A 34 39.99 -29.64 -16.34
C ALA A 34 39.06 -30.85 -16.42
N ARG A 35 38.12 -30.89 -15.50
CA ARG A 35 37.16 -31.99 -15.46
C ARG A 35 36.62 -32.27 -16.86
N ALA A 36 35.94 -31.28 -17.41
CA ALA A 36 35.37 -31.41 -18.74
C ALA A 36 36.47 -31.76 -19.73
N GLN A 37 37.61 -31.10 -19.56
CA GLN A 37 38.74 -31.33 -20.44
C GLN A 37 39.14 -32.81 -20.42
N LYS A 38 39.54 -33.28 -19.26
CA LYS A 38 39.94 -34.66 -19.10
C LYS A 38 38.91 -35.56 -19.77
N ALA A 39 37.65 -35.37 -19.39
CA ALA A 39 36.57 -36.15 -19.96
C ALA A 39 36.57 -36.00 -21.48
N LEU A 40 36.36 -34.77 -21.92
CA LEU A 40 36.34 -34.48 -23.34
C LEU A 40 37.47 -35.25 -24.04
N ALA A 41 38.69 -34.95 -23.61
CA ALA A 41 39.85 -35.60 -24.18
C ALA A 41 39.56 -37.09 -24.37
N SER A 42 39.31 -37.76 -23.26
CA SER A 42 39.01 -39.18 -23.28
C SER A 42 38.03 -39.49 -24.41
N THR A 43 36.92 -38.76 -24.41
CA THR A 43 35.90 -38.94 -25.42
C THR A 43 36.15 -38.02 -26.60
N GLY A 44 37.43 -37.70 -26.81
CA GLY A 44 37.81 -36.83 -27.91
C GLY A 44 37.27 -35.41 -27.70
N GLY A 45 36.04 -35.20 -28.13
CA GLY A 45 35.40 -33.90 -28.00
C GLY A 45 34.27 -33.75 -29.00
N ARG A 46 33.29 -34.64 -28.89
CA ARG A 46 32.14 -34.62 -29.78
C ARG A 46 30.91 -34.12 -29.04
N SER A 47 30.59 -34.81 -27.95
CA SER A 47 29.44 -34.45 -27.14
C SER A 47 29.85 -34.35 -25.67
N VAL A 48 28.98 -33.70 -24.90
CA VAL A 48 29.24 -33.51 -23.47
C VAL A 48 28.71 -34.73 -22.71
N GLN A 49 27.60 -35.27 -23.21
CA GLN A 49 26.99 -36.42 -22.58
C GLN A 49 28.03 -37.52 -22.33
N THR A 50 28.80 -37.81 -23.36
CA THR A 50 29.83 -38.83 -23.27
C THR A 50 30.83 -38.46 -22.17
N ALA A 51 31.06 -37.16 -22.03
CA ALA A 51 31.98 -36.67 -21.03
C ALA A 51 31.42 -36.94 -19.64
N CYS A 52 30.16 -36.56 -19.46
CA CYS A 52 29.50 -36.76 -18.18
C CYS A 52 29.76 -38.18 -17.72
N ASP A 53 29.26 -39.14 -18.51
CA ASP A 53 29.44 -40.54 -18.19
C ASP A 53 30.86 -40.78 -17.68
N TRP A 54 31.82 -40.34 -18.48
CA TRP A 54 33.22 -40.49 -18.12
C TRP A 54 33.44 -39.83 -16.77
N LEU A 55 33.08 -38.55 -16.71
CA LEU A 55 33.23 -37.79 -15.48
C LEU A 55 32.80 -38.65 -14.28
N PHE A 56 31.52 -38.97 -14.26
CA PHE A 56 30.97 -39.78 -13.18
C PHE A 56 31.70 -41.11 -13.09
N SER A 57 31.78 -41.80 -14.22
CA SER A 57 32.45 -43.09 -14.28
C SER A 57 33.89 -42.95 -13.79
N HIS A 58 34.49 -44.09 -13.51
CA HIS A 58 35.86 -44.12 -13.03
C HIS A 58 36.82 -44.36 -14.20
N SER A 59 36.65 -45.54 -14.81
CA SER A 59 37.48 -45.91 -15.94
C SER A 59 36.77 -46.97 -16.79
N GLY A 60 36.43 -48.06 -16.15
CA GLY A 60 35.74 -49.15 -16.83
C GLY A 60 36.45 -50.48 -16.61
N PRO A 61 35.75 -51.58 -17.01
CA PRO A 61 36.31 -52.92 -16.86
C PRO A 61 37.40 -53.17 -17.90
N SER A 62 38.40 -52.31 -17.91
CA SER A 62 39.50 -52.43 -18.84
C SER A 62 40.71 -51.66 -18.33
N SER A 63 41.88 -52.09 -18.79
CA SER A 63 43.13 -51.45 -18.40
C SER A 63 44.04 -51.28 -19.61
N GLY A 64 44.41 -50.02 -19.85
CA GLY A 64 45.28 -49.71 -20.97
C GLY A 64 45.27 -48.21 -21.27
N GLY A 1 16.76 -6.61 -15.06
CA GLY A 1 15.78 -5.58 -15.39
C GLY A 1 14.49 -5.77 -14.57
N SER A 2 13.64 -4.77 -14.63
CA SER A 2 12.38 -4.80 -13.91
C SER A 2 12.65 -4.95 -12.41
N SER A 3 12.19 -3.95 -11.66
CA SER A 3 12.37 -3.96 -10.22
C SER A 3 11.62 -2.78 -9.59
N GLY A 4 11.48 -2.83 -8.28
CA GLY A 4 10.79 -1.77 -7.55
C GLY A 4 11.42 -0.41 -7.85
N SER A 5 10.56 0.53 -8.23
CA SER A 5 11.01 1.88 -8.54
C SER A 5 9.84 2.85 -8.45
N SER A 6 10.14 4.03 -7.94
CA SER A 6 9.12 5.07 -7.80
C SER A 6 8.20 5.08 -9.02
N GLY A 7 6.98 5.55 -8.80
CA GLY A 7 6.01 5.61 -9.88
C GLY A 7 6.36 6.72 -10.87
N ARG A 8 7.06 6.33 -11.93
CA ARG A 8 7.46 7.28 -12.95
C ARG A 8 6.34 7.44 -13.99
N ASN A 9 6.16 8.68 -14.42
CA ASN A 9 5.15 8.98 -15.42
C ASN A 9 5.59 10.18 -16.25
N ARG A 10 5.45 10.04 -17.56
CA ARG A 10 5.83 11.10 -18.47
C ARG A 10 4.60 11.94 -18.85
N GLN A 11 4.89 13.16 -19.31
CA GLN A 11 3.82 14.06 -19.70
C GLN A 11 2.77 14.16 -18.60
N GLN A 12 2.96 15.13 -17.72
CA GLN A 12 2.05 15.34 -16.61
C GLN A 12 0.79 16.08 -17.09
N ARG A 13 -0.36 15.54 -16.70
CA ARG A 13 -1.63 16.13 -17.09
C ARG A 13 -2.79 15.31 -16.52
N PRO A 14 -3.91 16.03 -16.23
CA PRO A 14 -5.09 15.40 -15.68
C PRO A 14 -5.83 14.60 -16.76
N GLY A 15 -6.34 13.44 -16.36
CA GLY A 15 -7.07 12.58 -17.28
C GLY A 15 -8.37 13.25 -17.73
N THR A 16 -9.47 12.55 -17.49
CA THR A 16 -10.78 13.06 -17.87
C THR A 16 -11.32 13.99 -16.78
N ILE A 17 -12.22 14.88 -17.20
CA ILE A 17 -12.81 15.82 -16.29
C ILE A 17 -14.04 15.20 -15.64
N LYS A 18 -13.81 14.19 -14.82
CA LYS A 18 -14.88 13.50 -14.14
C LYS A 18 -14.58 13.44 -12.65
N HIS A 19 -15.41 14.14 -11.88
CA HIS A 19 -15.24 14.18 -10.43
C HIS A 19 -16.43 14.93 -9.81
N GLY A 20 -16.73 14.55 -8.57
CA GLY A 20 -17.83 15.17 -7.86
C GLY A 20 -17.91 14.63 -6.42
N SER A 21 -18.97 13.89 -6.17
CA SER A 21 -19.19 13.31 -4.86
C SER A 21 -18.46 11.96 -4.74
N ALA A 22 -17.89 11.74 -3.58
CA ALA A 22 -17.16 10.50 -3.34
C ALA A 22 -17.93 9.33 -3.95
N LEU A 23 -19.25 9.38 -3.77
CA LEU A 23 -20.11 8.33 -4.29
C LEU A 23 -20.13 8.42 -5.82
N ASP A 24 -20.44 9.60 -6.31
CA ASP A 24 -20.51 9.83 -7.75
C ASP A 24 -19.20 9.33 -8.39
N VAL A 25 -18.12 9.52 -7.67
CA VAL A 25 -16.81 9.11 -8.15
C VAL A 25 -16.83 7.59 -8.40
N LEU A 26 -17.24 6.85 -7.38
CA LEU A 26 -17.30 5.40 -7.48
C LEU A 26 -18.16 5.02 -8.68
N LEU A 27 -19.24 5.78 -8.86
CA LEU A 27 -20.15 5.52 -9.97
C LEU A 27 -19.40 5.70 -11.29
N SER A 28 -18.51 6.67 -11.30
CA SER A 28 -17.72 6.96 -12.48
C SER A 28 -16.71 5.84 -12.72
N MET A 29 -16.19 5.30 -11.62
CA MET A 29 -15.22 4.23 -11.70
C MET A 29 -15.83 2.98 -12.32
N GLY A 30 -17.14 2.87 -12.19
CA GLY A 30 -17.87 1.73 -12.74
C GLY A 30 -18.47 0.88 -11.62
N PHE A 31 -18.69 1.53 -10.48
CA PHE A 31 -19.26 0.84 -9.34
C PHE A 31 -20.72 1.28 -9.11
N PRO A 32 -21.55 0.30 -8.64
CA PRO A 32 -22.94 0.58 -8.37
C PRO A 32 -23.11 1.38 -7.09
N ARG A 33 -24.04 2.34 -7.15
CA ARG A 33 -24.30 3.19 -6.00
C ARG A 33 -24.26 2.36 -4.71
N ALA A 34 -25.19 1.41 -4.62
CA ALA A 34 -25.28 0.55 -3.46
C ALA A 34 -23.87 0.15 -3.02
N ARG A 35 -23.19 -0.58 -3.91
CA ARG A 35 -21.85 -1.02 -3.63
C ARG A 35 -21.04 0.09 -2.95
N ALA A 36 -20.95 1.21 -3.64
CA ALA A 36 -20.21 2.35 -3.11
C ALA A 36 -20.80 2.76 -1.76
N GLN A 37 -22.13 2.75 -1.70
CA GLN A 37 -22.82 3.11 -0.48
C GLN A 37 -22.38 2.22 0.67
N LYS A 38 -22.61 0.93 0.51
CA LYS A 38 -22.23 -0.04 1.53
C LYS A 38 -20.81 0.25 1.99
N ALA A 39 -19.92 0.40 1.01
CA ALA A 39 -18.52 0.67 1.30
C ALA A 39 -18.42 2.00 2.05
N LEU A 40 -18.85 3.05 1.39
CA LEU A 40 -18.81 4.38 1.98
C LEU A 40 -19.24 4.29 3.45
N ALA A 41 -20.47 3.83 3.65
CA ALA A 41 -21.00 3.70 4.99
C ALA A 41 -19.94 3.07 5.90
N SER A 42 -19.54 1.86 5.54
CA SER A 42 -18.54 1.15 6.30
C SER A 42 -17.39 2.09 6.68
N THR A 43 -16.80 2.68 5.65
CA THR A 43 -15.68 3.60 5.85
C THR A 43 -16.21 5.03 5.99
N GLY A 44 -17.39 5.14 6.58
CA GLY A 44 -18.01 6.44 6.78
C GLY A 44 -18.34 7.11 5.44
N GLY A 45 -17.32 7.72 4.86
CA GLY A 45 -17.50 8.39 3.57
C GLY A 45 -16.55 9.59 3.45
N ARG A 46 -15.26 9.29 3.56
CA ARG A 46 -14.25 10.33 3.47
C ARG A 46 -13.50 10.22 2.14
N SER A 47 -12.94 9.05 1.90
CA SER A 47 -12.19 8.80 0.68
C SER A 47 -12.77 7.58 -0.05
N VAL A 48 -12.67 7.63 -1.37
CA VAL A 48 -13.18 6.53 -2.19
C VAL A 48 -12.15 5.40 -2.22
N GLN A 49 -10.89 5.79 -2.15
CA GLN A 49 -9.80 4.83 -2.17
C GLN A 49 -9.94 3.85 -1.01
N THR A 50 -10.10 4.40 0.19
CA THR A 50 -10.26 3.59 1.37
C THR A 50 -11.44 2.63 1.23
N ALA A 51 -12.53 3.17 0.70
CA ALA A 51 -13.74 2.38 0.50
C ALA A 51 -13.42 1.24 -0.47
N CYS A 52 -12.83 1.60 -1.59
CA CYS A 52 -12.48 0.62 -2.60
C CYS A 52 -11.81 -0.57 -1.91
N ASP A 53 -10.79 -0.26 -1.12
CA ASP A 53 -10.07 -1.29 -0.39
C ASP A 53 -11.07 -2.20 0.33
N TRP A 54 -12.04 -1.57 0.98
CA TRP A 54 -13.06 -2.30 1.71
C TRP A 54 -13.82 -3.17 0.71
N LEU A 55 -14.31 -2.53 -0.34
CA LEU A 55 -15.05 -3.23 -1.37
C LEU A 55 -14.35 -4.55 -1.69
N PHE A 56 -13.19 -4.43 -2.32
CA PHE A 56 -12.41 -5.60 -2.69
C PHE A 56 -12.17 -6.50 -1.48
N SER A 57 -11.65 -5.88 -0.42
CA SER A 57 -11.36 -6.62 0.80
C SER A 57 -12.55 -7.50 1.17
N HIS A 58 -12.24 -8.77 1.43
CA HIS A 58 -13.27 -9.73 1.80
C HIS A 58 -13.29 -9.90 3.31
N SER A 59 -13.78 -8.87 3.99
CA SER A 59 -13.86 -8.89 5.44
C SER A 59 -14.46 -10.23 5.91
N GLY A 60 -13.61 -11.02 6.54
CA GLY A 60 -14.03 -12.31 7.04
C GLY A 60 -15.26 -12.19 7.94
N PRO A 61 -15.94 -13.34 8.15
CA PRO A 61 -17.13 -13.37 8.99
C PRO A 61 -16.77 -13.26 10.47
N SER A 62 -16.33 -12.07 10.85
CA SER A 62 -15.95 -11.82 12.24
C SER A 62 -15.07 -12.96 12.75
N SER A 63 -13.78 -12.83 12.48
CA SER A 63 -12.82 -13.85 12.89
C SER A 63 -13.21 -15.20 12.31
N GLY A 64 -12.43 -15.64 11.34
CA GLY A 64 -12.67 -16.92 10.71
C GLY A 64 -11.91 -17.02 9.37
N GLY A 1 16.76 -6.61 -15.06
CA GLY A 1 15.78 -5.58 -15.39
C GLY A 1 15.46 -4.72 -14.17
N SER A 2 15.70 -3.42 -14.33
CA SER A 2 15.45 -2.47 -13.26
C SER A 2 15.79 -1.06 -13.73
N SER A 3 15.30 -0.09 -12.96
CA SER A 3 15.54 1.32 -13.29
C SER A 3 15.63 2.14 -12.00
N GLY A 4 16.81 2.09 -11.39
CA GLY A 4 17.03 2.83 -10.15
C GLY A 4 17.78 1.97 -9.13
N SER A 5 18.15 2.60 -8.03
CA SER A 5 18.86 1.91 -6.97
C SER A 5 20.22 1.42 -7.49
N SER A 6 21.25 2.16 -7.13
CA SER A 6 22.60 1.82 -7.55
C SER A 6 23.02 0.49 -6.90
N GLY A 7 22.92 -0.57 -7.69
CA GLY A 7 23.28 -1.89 -7.22
C GLY A 7 22.57 -2.23 -5.90
N ARG A 8 23.36 -2.55 -4.90
CA ARG A 8 22.82 -2.88 -3.60
C ARG A 8 23.66 -2.24 -2.49
N ASN A 9 23.29 -1.01 -2.15
CA ASN A 9 23.99 -0.28 -1.11
C ASN A 9 23.08 0.78 -0.52
N ARG A 10 22.83 0.66 0.78
CA ARG A 10 21.96 1.60 1.47
C ARG A 10 22.36 1.70 2.95
N GLN A 11 23.09 2.76 3.26
CA GLN A 11 23.53 2.97 4.63
C GLN A 11 24.28 4.31 4.74
N GLN A 12 23.68 5.22 5.49
CA GLN A 12 24.29 6.53 5.69
C GLN A 12 24.68 6.72 7.15
N ARG A 13 25.41 7.79 7.39
CA ARG A 13 25.87 8.11 8.74
C ARG A 13 25.03 9.23 9.34
N PRO A 14 24.94 9.22 10.70
CA PRO A 14 24.18 10.24 11.40
C PRO A 14 24.93 11.58 11.43
N GLY A 15 25.03 12.18 10.26
CA GLY A 15 25.72 13.45 10.13
C GLY A 15 27.23 13.27 10.21
N THR A 16 27.95 14.24 9.67
CA THR A 16 29.40 14.20 9.67
C THR A 16 29.97 15.45 10.34
N ILE A 17 31.07 15.26 11.05
CA ILE A 17 31.73 16.36 11.73
C ILE A 17 32.35 17.31 10.70
N LYS A 18 32.89 16.70 9.65
CA LYS A 18 33.53 17.46 8.59
C LYS A 18 32.59 18.60 8.15
N HIS A 19 33.15 19.53 7.41
CA HIS A 19 32.38 20.66 6.92
C HIS A 19 33.09 21.29 5.72
N GLY A 20 32.30 21.79 4.80
CA GLY A 20 32.83 22.42 3.60
C GLY A 20 32.34 23.86 3.47
N SER A 21 32.06 24.26 2.24
CA SER A 21 31.59 25.60 1.97
C SER A 21 30.09 25.70 2.27
N ALA A 22 29.69 26.87 2.73
CA ALA A 22 28.29 27.11 3.06
C ALA A 22 27.42 26.65 1.89
N LEU A 23 27.93 26.86 0.68
CA LEU A 23 27.21 26.47 -0.52
C LEU A 23 27.34 24.97 -0.73
N ASP A 24 28.56 24.48 -0.59
CA ASP A 24 28.83 23.06 -0.75
C ASP A 24 27.99 22.27 0.26
N VAL A 25 27.75 22.90 1.40
CA VAL A 25 26.96 22.27 2.45
C VAL A 25 25.55 22.00 1.93
N LEU A 26 24.94 23.05 1.40
CA LEU A 26 23.60 22.94 0.86
C LEU A 26 23.57 21.92 -0.27
N LEU A 27 24.58 22.01 -1.13
CA LEU A 27 24.69 21.09 -2.25
C LEU A 27 24.76 19.66 -1.73
N SER A 28 25.29 19.52 -0.53
CA SER A 28 25.42 18.22 0.10
C SER A 28 24.12 17.85 0.82
N MET A 29 23.16 18.77 0.76
CA MET A 29 21.89 18.55 1.40
C MET A 29 20.80 18.25 0.37
N GLY A 30 21.22 18.17 -0.89
CA GLY A 30 20.30 17.89 -1.97
C GLY A 30 19.70 19.17 -2.53
N PHE A 31 20.51 20.22 -2.52
CA PHE A 31 20.07 21.51 -3.02
C PHE A 31 20.94 21.98 -4.19
N PRO A 32 20.28 22.67 -5.15
CA PRO A 32 20.98 23.18 -6.32
C PRO A 32 21.83 24.40 -5.96
N ARG A 33 22.86 24.62 -6.77
CA ARG A 33 23.76 25.74 -6.56
C ARG A 33 22.97 27.06 -6.55
N ALA A 34 22.06 27.16 -7.50
CA ALA A 34 21.24 28.35 -7.61
C ALA A 34 20.53 28.61 -6.28
N ARG A 35 19.61 27.72 -5.96
CA ARG A 35 18.86 27.84 -4.71
C ARG A 35 19.76 28.33 -3.59
N ALA A 36 20.79 27.54 -3.32
CA ALA A 36 21.75 27.87 -2.27
C ALA A 36 22.34 29.25 -2.56
N GLN A 37 22.64 29.48 -3.83
CA GLN A 37 23.23 30.75 -4.25
C GLN A 37 22.27 31.89 -3.93
N LYS A 38 21.12 31.87 -4.60
CA LYS A 38 20.12 32.90 -4.40
C LYS A 38 19.95 33.15 -2.90
N ALA A 39 19.79 32.06 -2.16
CA ALA A 39 19.62 32.15 -0.72
C ALA A 39 20.85 32.82 -0.11
N LEU A 40 22.00 32.18 -0.32
CA LEU A 40 23.24 32.69 0.21
C LEU A 40 23.28 34.22 0.04
N ALA A 41 23.07 34.65 -1.19
CA ALA A 41 23.08 36.07 -1.50
C ALA A 41 22.08 36.78 -0.58
N SER A 42 20.83 36.33 -0.65
CA SER A 42 19.78 36.91 0.16
C SER A 42 20.29 37.17 1.59
N THR A 43 21.14 36.25 2.05
CA THR A 43 21.69 36.37 3.38
C THR A 43 23.22 36.48 3.31
N GLY A 44 23.68 37.12 2.25
CA GLY A 44 25.10 37.31 2.04
C GLY A 44 25.80 35.97 1.77
N GLY A 45 26.21 35.33 2.85
CA GLY A 45 26.88 34.04 2.74
C GLY A 45 27.76 33.78 3.97
N ARG A 46 27.11 33.79 5.13
CA ARG A 46 27.81 33.55 6.38
C ARG A 46 27.45 32.18 6.94
N SER A 47 26.15 31.98 7.13
CA SER A 47 25.66 30.71 7.66
C SER A 47 24.67 30.09 6.68
N VAL A 48 24.67 28.76 6.65
CA VAL A 48 23.78 28.04 5.77
C VAL A 48 22.42 27.86 6.45
N GLN A 49 22.47 27.75 7.76
CA GLN A 49 21.24 27.59 8.54
C GLN A 49 20.27 28.72 8.24
N THR A 50 20.83 29.92 8.10
CA THR A 50 20.01 31.09 7.81
C THR A 50 19.44 31.00 6.39
N ALA A 51 20.29 30.59 5.47
CA ALA A 51 19.89 30.46 4.08
C ALA A 51 18.72 29.47 3.98
N CYS A 52 18.85 28.39 4.73
CA CYS A 52 17.82 27.36 4.74
C CYS A 52 16.48 28.04 5.00
N ASP A 53 16.42 28.77 6.09
CA ASP A 53 15.20 29.46 6.47
C ASP A 53 14.66 30.24 5.26
N TRP A 54 15.58 30.94 4.60
CA TRP A 54 15.21 31.73 3.44
C TRP A 54 14.69 30.76 2.37
N LEU A 55 15.50 29.76 2.07
CA LEU A 55 15.13 28.77 1.07
C LEU A 55 13.66 28.40 1.24
N PHE A 56 13.38 27.75 2.37
CA PHE A 56 12.02 27.34 2.67
C PHE A 56 11.06 28.52 2.63
N SER A 57 11.42 29.56 3.37
CA SER A 57 10.61 30.77 3.42
C SER A 57 9.23 30.44 4.00
N HIS A 58 8.46 31.49 4.22
CA HIS A 58 7.12 31.32 4.77
C HIS A 58 6.12 32.13 3.94
N SER A 59 5.60 31.48 2.92
CA SER A 59 4.63 32.11 2.03
C SER A 59 3.63 31.07 1.52
N GLY A 60 4.17 30.02 0.94
CA GLY A 60 3.33 28.95 0.40
C GLY A 60 2.64 29.40 -0.90
N PRO A 61 2.19 28.39 -1.68
CA PRO A 61 1.51 28.65 -2.94
C PRO A 61 0.08 29.14 -2.70
N SER A 62 -0.01 30.36 -2.17
CA SER A 62 -1.31 30.96 -1.89
C SER A 62 -2.09 31.14 -3.19
N SER A 63 -3.40 30.99 -3.07
CA SER A 63 -4.28 31.13 -4.22
C SER A 63 -5.46 32.05 -3.87
N GLY A 64 -5.58 33.12 -4.64
CA GLY A 64 -6.65 34.08 -4.43
C GLY A 64 -6.22 35.48 -4.85
N GLY A 1 16.76 -6.61 -15.06
CA GLY A 1 15.78 -5.58 -15.39
C GLY A 1 14.81 -5.35 -14.23
N SER A 2 13.58 -5.00 -14.57
CA SER A 2 12.56 -4.75 -13.57
C SER A 2 11.23 -5.34 -14.03
N SER A 3 10.49 -5.86 -13.05
CA SER A 3 9.20 -6.47 -13.33
C SER A 3 8.55 -6.93 -12.03
N GLY A 4 7.22 -6.83 -12.00
CA GLY A 4 6.47 -7.24 -10.83
C GLY A 4 5.01 -7.55 -11.19
N SER A 5 4.44 -8.47 -10.43
CA SER A 5 3.06 -8.87 -10.67
C SER A 5 2.11 -7.76 -10.22
N SER A 6 1.19 -7.43 -11.12
CA SER A 6 0.21 -6.38 -10.83
C SER A 6 -1.20 -6.90 -11.10
N GLY A 7 -2.05 -6.75 -10.09
CA GLY A 7 -3.43 -7.20 -10.21
C GLY A 7 -3.89 -7.89 -8.93
N ARG A 8 -4.39 -7.09 -8.00
CA ARG A 8 -4.87 -7.62 -6.73
C ARG A 8 -5.39 -6.48 -5.86
N ASN A 9 -6.24 -6.85 -4.91
CA ASN A 9 -6.82 -5.87 -4.00
C ASN A 9 -6.38 -6.20 -2.57
N ARG A 10 -5.63 -5.27 -1.98
CA ARG A 10 -5.14 -5.44 -0.63
C ARG A 10 -6.30 -5.76 0.31
N GLN A 11 -6.38 -7.04 0.67
CA GLN A 11 -7.44 -7.49 1.57
C GLN A 11 -7.01 -8.77 2.28
N GLN A 12 -6.38 -8.60 3.43
CA GLN A 12 -5.91 -9.72 4.21
C GLN A 12 -6.83 -9.94 5.41
N ARG A 13 -6.93 -8.92 6.24
CA ARG A 13 -7.76 -8.99 7.43
C ARG A 13 -9.07 -8.21 7.21
N PRO A 14 -10.14 -8.71 7.88
CA PRO A 14 -11.44 -8.07 7.76
C PRO A 14 -11.50 -6.76 8.55
N GLY A 15 -11.06 -5.69 7.90
CA GLY A 15 -11.05 -4.38 8.52
C GLY A 15 -9.69 -3.69 8.33
N THR A 16 -9.67 -2.40 8.65
CA THR A 16 -8.45 -1.63 8.51
C THR A 16 -8.60 -0.28 9.22
N ILE A 17 -8.94 -0.36 10.50
CA ILE A 17 -9.11 0.85 11.30
C ILE A 17 -9.83 1.91 10.46
N LYS A 18 -11.08 1.61 10.14
CA LYS A 18 -11.89 2.52 9.34
C LYS A 18 -13.36 2.28 9.64
N HIS A 19 -13.82 1.08 9.29
CA HIS A 19 -15.21 0.71 9.51
C HIS A 19 -15.33 -0.81 9.56
N GLY A 20 -15.94 -1.30 10.63
CA GLY A 20 -16.13 -2.72 10.80
C GLY A 20 -15.51 -3.21 12.11
N SER A 21 -16.20 -2.91 13.21
CA SER A 21 -15.72 -3.31 14.52
C SER A 21 -16.22 -4.71 14.85
N ALA A 22 -15.46 -5.39 15.70
CA ALA A 22 -15.80 -6.74 16.10
C ALA A 22 -17.31 -6.82 16.36
N LEU A 23 -17.82 -5.78 17.00
CA LEU A 23 -19.24 -5.71 17.32
C LEU A 23 -20.04 -5.54 16.02
N ASP A 24 -19.71 -4.46 15.31
CA ASP A 24 -20.39 -4.16 14.06
C ASP A 24 -20.53 -5.44 13.24
N VAL A 25 -19.49 -6.26 13.29
CA VAL A 25 -19.49 -7.51 12.57
C VAL A 25 -20.70 -8.35 12.99
N LEU A 26 -20.72 -8.69 14.27
CA LEU A 26 -21.82 -9.48 14.81
C LEU A 26 -23.15 -8.86 14.38
N LEU A 27 -23.18 -7.54 14.42
CA LEU A 27 -24.38 -6.81 14.04
C LEU A 27 -24.74 -7.14 12.59
N SER A 28 -23.72 -7.23 11.77
CA SER A 28 -23.92 -7.54 10.36
C SER A 28 -24.40 -8.99 10.21
N MET A 29 -23.93 -9.84 11.12
CA MET A 29 -24.32 -11.24 11.10
C MET A 29 -25.81 -11.41 11.39
N GLY A 30 -26.35 -10.42 12.08
CA GLY A 30 -27.77 -10.45 12.44
C GLY A 30 -27.95 -10.58 13.95
N PHE A 31 -26.96 -10.09 14.68
CA PHE A 31 -26.99 -10.15 16.13
C PHE A 31 -27.20 -8.75 16.72
N PRO A 32 -27.96 -8.72 17.86
CA PRO A 32 -28.23 -7.46 18.54
C PRO A 32 -27.00 -6.96 19.30
N ARG A 33 -26.74 -5.67 19.14
CA ARG A 33 -25.61 -5.05 19.80
C ARG A 33 -25.43 -5.62 21.21
N ALA A 34 -26.56 -5.70 21.91
CA ALA A 34 -26.55 -6.22 23.27
C ALA A 34 -25.83 -7.57 23.30
N ARG A 35 -26.40 -8.53 22.58
CA ARG A 35 -25.82 -9.85 22.51
C ARG A 35 -24.31 -9.77 22.27
N ALA A 36 -23.95 -9.10 21.19
CA ALA A 36 -22.55 -8.94 20.84
C ALA A 36 -21.81 -8.27 22.01
N GLN A 37 -22.49 -7.31 22.62
CA GLN A 37 -21.91 -6.61 23.75
C GLN A 37 -21.66 -7.56 24.91
N LYS A 38 -22.76 -8.08 25.46
CA LYS A 38 -22.67 -9.01 26.58
C LYS A 38 -21.55 -10.01 26.31
N ALA A 39 -21.57 -10.56 25.10
CA ALA A 39 -20.57 -11.55 24.70
C ALA A 39 -19.19 -10.89 24.74
N LEU A 40 -19.03 -9.86 23.92
CA LEU A 40 -17.77 -9.15 23.84
C LEU A 40 -17.21 -8.98 25.25
N ALA A 41 -17.99 -8.31 26.09
CA ALA A 41 -17.58 -8.07 27.47
C ALA A 41 -17.03 -9.35 28.06
N SER A 42 -17.89 -10.35 28.15
CA SER A 42 -17.51 -11.65 28.70
C SER A 42 -16.12 -12.03 28.19
N THR A 43 -16.02 -12.10 26.87
CA THR A 43 -14.75 -12.46 26.24
C THR A 43 -13.92 -11.22 25.95
N GLY A 44 -14.07 -10.23 26.83
CA GLY A 44 -13.35 -8.98 26.67
C GLY A 44 -13.75 -8.26 25.39
N GLY A 45 -13.12 -8.66 24.29
CA GLY A 45 -13.41 -8.07 23.00
C GLY A 45 -12.20 -8.16 22.07
N ARG A 46 -11.77 -9.39 21.84
CA ARG A 46 -10.63 -9.63 20.97
C ARG A 46 -11.08 -10.25 19.64
N SER A 47 -11.79 -11.37 19.75
CA SER A 47 -12.27 -12.06 18.58
C SER A 47 -13.80 -12.17 18.65
N VAL A 48 -14.42 -12.17 17.46
CA VAL A 48 -15.86 -12.26 17.37
C VAL A 48 -16.27 -13.73 17.40
N GLN A 49 -15.32 -14.59 17.04
CA GLN A 49 -15.56 -16.02 17.02
C GLN A 49 -15.77 -16.55 18.45
N THR A 50 -14.83 -16.20 19.31
CA THR A 50 -14.90 -16.63 20.69
C THR A 50 -16.23 -16.19 21.32
N ALA A 51 -16.53 -14.92 21.16
CA ALA A 51 -17.76 -14.36 21.70
C ALA A 51 -18.94 -15.22 21.25
N CYS A 52 -18.95 -15.55 19.97
CA CYS A 52 -20.01 -16.36 19.40
C CYS A 52 -20.19 -17.59 20.29
N ASP A 53 -19.10 -18.33 20.46
CA ASP A 53 -19.12 -19.52 21.28
C ASP A 53 -19.82 -19.22 22.60
N TRP A 54 -19.39 -18.12 23.22
CA TRP A 54 -19.97 -17.71 24.49
C TRP A 54 -21.48 -17.53 24.29
N LEU A 55 -21.82 -16.70 23.32
CA LEU A 55 -23.21 -16.43 23.02
C LEU A 55 -24.01 -17.73 23.09
N PHE A 56 -23.73 -18.62 22.13
CA PHE A 56 -24.40 -19.90 22.07
C PHE A 56 -24.30 -20.63 23.41
N SER A 57 -23.07 -20.82 23.85
CA SER A 57 -22.82 -21.49 25.11
C SER A 57 -22.91 -20.51 26.27
N HIS A 58 -24.13 -20.35 26.77
CA HIS A 58 -24.36 -19.44 27.88
C HIS A 58 -23.69 -19.98 29.15
N SER A 59 -22.43 -19.60 29.31
CA SER A 59 -21.66 -20.03 30.47
C SER A 59 -20.91 -18.85 31.07
N GLY A 60 -20.40 -19.07 32.28
CA GLY A 60 -19.66 -18.03 32.98
C GLY A 60 -19.85 -18.14 34.49
N PRO A 61 -19.55 -17.02 35.19
CA PRO A 61 -19.68 -16.98 36.64
C PRO A 61 -21.15 -16.89 37.06
N SER A 62 -21.63 -17.98 37.63
CA SER A 62 -23.01 -18.04 38.08
C SER A 62 -23.95 -17.81 36.90
N SER A 63 -24.66 -18.87 36.53
CA SER A 63 -25.59 -18.81 35.41
C SER A 63 -26.44 -17.54 35.52
N GLY A 64 -27.15 -17.24 34.43
CA GLY A 64 -28.00 -16.06 34.40
C GLY A 64 -27.33 -14.93 33.62
N GLY A 1 16.76 -6.61 -15.06
CA GLY A 1 15.78 -5.58 -15.39
C GLY A 1 14.35 -6.10 -15.17
N SER A 2 14.05 -6.40 -13.91
CA SER A 2 12.73 -6.91 -13.56
C SER A 2 12.55 -6.85 -12.05
N SER A 3 11.77 -5.87 -11.61
CA SER A 3 11.50 -5.71 -10.19
C SER A 3 12.80 -5.38 -9.45
N GLY A 4 12.79 -4.26 -8.74
CA GLY A 4 13.95 -3.83 -8.00
C GLY A 4 14.27 -2.36 -8.26
N SER A 5 15.46 -1.95 -7.84
CA SER A 5 15.90 -0.58 -8.04
C SER A 5 17.24 -0.56 -8.78
N SER A 6 17.31 0.31 -9.78
CA SER A 6 18.53 0.44 -10.56
C SER A 6 19.14 1.83 -10.35
N GLY A 7 20.46 1.88 -10.44
CA GLY A 7 21.18 3.12 -10.27
C GLY A 7 21.80 3.21 -8.88
N ARG A 8 21.81 4.42 -8.34
CA ARG A 8 22.36 4.65 -7.02
C ARG A 8 21.42 4.12 -5.94
N ASN A 9 22.00 3.38 -5.00
CA ASN A 9 21.23 2.80 -3.92
C ASN A 9 20.96 3.87 -2.86
N ARG A 10 22.06 4.47 -2.38
CA ARG A 10 21.95 5.50 -1.37
C ARG A 10 23.29 6.24 -1.23
N GLN A 11 23.31 7.46 -1.75
CA GLN A 11 24.52 8.27 -1.69
C GLN A 11 24.17 9.73 -1.42
N GLN A 12 24.14 10.07 -0.14
CA GLN A 12 23.81 11.43 0.27
C GLN A 12 24.71 11.87 1.43
N ARG A 13 24.63 11.12 2.51
CA ARG A 13 25.43 11.41 3.69
C ARG A 13 26.45 10.31 3.93
N PRO A 14 27.56 10.69 4.63
CA PRO A 14 28.62 9.73 4.93
C PRO A 14 28.18 8.78 6.05
N GLY A 15 28.14 7.50 5.70
CA GLY A 15 27.76 6.48 6.67
C GLY A 15 28.88 6.24 7.69
N THR A 16 28.47 5.85 8.88
CA THR A 16 29.41 5.58 9.95
C THR A 16 30.47 6.68 10.02
N ILE A 17 31.55 6.39 10.71
CA ILE A 17 32.63 7.34 10.87
C ILE A 17 33.97 6.59 10.88
N LYS A 18 34.36 6.12 9.71
CA LYS A 18 35.60 5.38 9.57
C LYS A 18 35.79 4.96 8.11
N HIS A 19 34.68 4.58 7.49
CA HIS A 19 34.70 4.14 6.11
C HIS A 19 34.72 5.37 5.19
N GLY A 20 35.72 5.42 4.33
CA GLY A 20 35.87 6.53 3.40
C GLY A 20 37.01 7.45 3.81
N SER A 21 37.03 7.78 5.10
CA SER A 21 38.06 8.65 5.63
C SER A 21 38.11 9.95 4.84
N ALA A 22 38.83 10.92 5.38
CA ALA A 22 38.97 12.22 4.74
C ALA A 22 40.17 12.18 3.78
N LEU A 23 41.18 11.43 4.19
CA LEU A 23 42.38 11.31 3.38
C LEU A 23 42.07 10.50 2.12
N ASP A 24 41.64 9.27 2.35
CA ASP A 24 41.30 8.39 1.24
C ASP A 24 40.56 9.18 0.16
N VAL A 25 39.69 10.07 0.62
CA VAL A 25 38.91 10.90 -0.29
C VAL A 25 39.86 11.65 -1.22
N LEU A 26 40.74 12.43 -0.61
CA LEU A 26 41.70 13.20 -1.36
C LEU A 26 42.43 12.29 -2.35
N LEU A 27 42.89 11.16 -1.82
CA LEU A 27 43.61 10.19 -2.63
C LEU A 27 42.74 9.81 -3.84
N SER A 28 41.44 9.77 -3.61
CA SER A 28 40.50 9.42 -4.66
C SER A 28 40.41 10.55 -5.67
N MET A 29 40.54 11.78 -5.17
CA MET A 29 40.48 12.95 -6.03
C MET A 29 41.67 13.00 -6.99
N GLY A 30 42.74 12.34 -6.58
CA GLY A 30 43.95 12.30 -7.40
C GLY A 30 45.10 13.02 -6.71
N PHE A 31 45.03 13.07 -5.40
CA PHE A 31 46.05 13.74 -4.60
C PHE A 31 46.92 12.71 -3.86
N PRO A 32 48.23 13.06 -3.74
CA PRO A 32 49.17 12.19 -3.06
C PRO A 32 48.97 12.24 -1.53
N ARG A 33 49.09 11.08 -0.91
CA ARG A 33 48.92 10.98 0.52
C ARG A 33 49.56 12.18 1.22
N ALA A 34 50.88 12.29 1.07
CA ALA A 34 51.62 13.38 1.66
C ALA A 34 50.82 14.68 1.51
N ARG A 35 50.51 14.99 0.27
CA ARG A 35 49.74 16.20 -0.03
C ARG A 35 48.58 16.34 0.95
N ALA A 36 47.67 15.38 0.89
CA ALA A 36 46.51 15.40 1.77
C ALA A 36 46.98 15.43 3.22
N GLN A 37 47.99 14.63 3.50
CA GLN A 37 48.53 14.55 4.85
C GLN A 37 48.94 15.95 5.33
N LYS A 38 49.84 16.57 4.58
CA LYS A 38 50.31 17.89 4.92
C LYS A 38 49.12 18.81 5.15
N ALA A 39 48.26 18.87 4.14
CA ALA A 39 47.07 19.70 4.22
C ALA A 39 46.29 19.36 5.49
N LEU A 40 45.81 18.13 5.54
CA LEU A 40 45.05 17.67 6.68
C LEU A 40 45.70 18.18 7.97
N ALA A 41 46.95 17.79 8.16
CA ALA A 41 47.69 18.20 9.33
C ALA A 41 47.51 19.70 9.55
N SER A 42 47.95 20.47 8.57
CA SER A 42 47.83 21.92 8.64
C SER A 42 46.44 22.31 9.16
N THR A 43 45.43 21.69 8.56
CA THR A 43 44.05 21.97 8.95
C THR A 43 43.54 20.88 9.90
N GLY A 44 44.47 20.34 10.69
CA GLY A 44 44.13 19.30 11.64
C GLY A 44 43.71 18.02 10.92
N GLY A 45 42.43 17.97 10.56
CA GLY A 45 41.90 16.81 9.87
C GLY A 45 40.40 16.66 10.13
N ARG A 46 39.65 17.68 9.72
CA ARG A 46 38.22 17.68 9.90
C ARG A 46 37.51 17.47 8.57
N SER A 47 37.81 18.36 7.63
CA SER A 47 37.22 18.29 6.31
C SER A 47 38.32 18.22 5.24
N VAL A 48 37.92 17.79 4.06
CA VAL A 48 38.86 17.66 2.96
C VAL A 48 38.94 19.00 2.20
N GLN A 49 37.88 19.78 2.34
CA GLN A 49 37.81 21.08 1.69
C GLN A 49 38.93 21.98 2.20
N THR A 50 38.98 22.13 3.51
CA THR A 50 39.99 22.96 4.14
C THR A 50 41.39 22.56 3.67
N ALA A 51 41.55 21.26 3.45
CA ALA A 51 42.82 20.72 2.99
C ALA A 51 43.11 21.26 1.58
N CYS A 52 42.12 21.15 0.72
CA CYS A 52 42.25 21.61 -0.65
C CYS A 52 42.79 23.04 -0.62
N ASP A 53 42.16 23.86 0.22
CA ASP A 53 42.56 25.25 0.36
C ASP A 53 44.06 25.32 0.65
N TRP A 54 44.46 24.61 1.70
CA TRP A 54 45.86 24.59 2.08
C TRP A 54 46.67 24.08 0.90
N LEU A 55 46.19 22.99 0.31
CA LEU A 55 46.86 22.40 -0.83
C LEU A 55 47.25 23.49 -1.82
N PHE A 56 46.23 24.15 -2.34
CA PHE A 56 46.44 25.22 -3.30
C PHE A 56 47.33 26.32 -2.71
N SER A 57 46.92 26.81 -1.55
CA SER A 57 47.67 27.85 -0.87
C SER A 57 48.98 27.29 -0.32
N HIS A 58 50.00 27.31 -1.16
CA HIS A 58 51.30 26.81 -0.77
C HIS A 58 51.21 25.29 -0.53
N SER A 59 52.18 24.58 -1.11
CA SER A 59 52.22 23.14 -0.96
C SER A 59 53.46 22.58 -1.66
N GLY A 60 53.89 21.41 -1.19
CA GLY A 60 55.06 20.77 -1.75
C GLY A 60 56.20 20.70 -0.73
N PRO A 61 57.34 20.11 -1.15
CA PRO A 61 58.49 19.97 -0.29
C PRO A 61 59.21 21.31 -0.13
N SER A 62 58.48 22.27 0.43
CA SER A 62 59.04 23.60 0.64
C SER A 62 59.56 24.18 -0.68
N SER A 63 58.64 24.78 -1.42
CA SER A 63 59.00 25.37 -2.70
C SER A 63 58.78 26.88 -2.66
N GLY A 64 59.83 27.59 -2.28
CA GLY A 64 59.77 29.04 -2.19
C GLY A 64 59.50 29.66 -3.57
N GLY A 1 16.76 -6.61 -15.06
CA GLY A 1 15.78 -5.58 -15.39
C GLY A 1 14.85 -5.31 -14.20
N SER A 2 14.12 -6.35 -13.82
CA SER A 2 13.19 -6.24 -12.71
C SER A 2 12.19 -5.11 -12.97
N SER A 3 11.11 -5.12 -12.18
CA SER A 3 10.08 -4.11 -12.33
C SER A 3 8.97 -4.36 -11.31
N GLY A 4 8.12 -3.36 -11.14
CA GLY A 4 7.01 -3.45 -10.20
C GLY A 4 5.67 -3.32 -10.93
N SER A 5 4.64 -3.06 -10.15
CA SER A 5 3.30 -2.90 -10.70
C SER A 5 2.32 -2.55 -9.59
N SER A 6 1.16 -2.05 -10.00
CA SER A 6 0.12 -1.67 -9.05
C SER A 6 -1.01 -2.69 -9.09
N GLY A 7 -1.57 -2.92 -7.90
CA GLY A 7 -2.67 -3.88 -7.78
C GLY A 7 -3.93 -3.35 -8.48
N ARG A 8 -4.79 -4.29 -8.86
CA ARG A 8 -6.03 -3.95 -9.53
C ARG A 8 -6.84 -2.96 -8.69
N ASN A 9 -7.81 -2.33 -9.34
CA ASN A 9 -8.65 -1.36 -8.67
C ASN A 9 -9.45 -2.06 -7.56
N ARG A 10 -9.17 -1.67 -6.33
CA ARG A 10 -9.85 -2.24 -5.18
C ARG A 10 -10.06 -1.19 -4.10
N GLN A 11 -8.95 -0.63 -3.64
CA GLN A 11 -9.00 0.39 -2.60
C GLN A 11 -10.03 0.01 -1.53
N GLN A 12 -10.00 -1.26 -1.16
CA GLN A 12 -10.92 -1.76 -0.15
C GLN A 12 -10.15 -2.40 1.01
N ARG A 13 -9.77 -1.57 1.95
CA ARG A 13 -9.03 -2.03 3.11
C ARG A 13 -9.46 -1.27 4.37
N PRO A 14 -10.40 -1.91 5.12
CA PRO A 14 -10.91 -1.31 6.34
C PRO A 14 -9.88 -1.40 7.48
N GLY A 15 -8.74 -0.77 7.25
CA GLY A 15 -7.67 -0.77 8.23
C GLY A 15 -6.92 -2.11 8.22
N THR A 16 -6.69 -2.62 9.41
CA THR A 16 -5.98 -3.88 9.56
C THR A 16 -6.64 -4.75 10.63
N ILE A 17 -6.64 -6.04 10.39
CA ILE A 17 -7.23 -6.99 11.32
C ILE A 17 -6.12 -7.75 12.05
N LYS A 18 -5.86 -7.31 13.28
CA LYS A 18 -4.83 -7.93 14.08
C LYS A 18 -4.73 -7.22 15.43
N HIS A 19 -4.37 -5.95 15.36
CA HIS A 19 -4.23 -5.14 16.57
C HIS A 19 -5.59 -4.52 16.91
N GLY A 20 -6.30 -5.19 17.80
CA GLY A 20 -7.60 -4.71 18.23
C GLY A 20 -7.47 -3.59 19.26
N SER A 21 -8.46 -2.70 19.26
CA SER A 21 -8.46 -1.59 20.18
C SER A 21 -9.88 -1.01 20.31
N ALA A 22 -10.18 -0.53 21.51
CA ALA A 22 -11.48 0.03 21.77
C ALA A 22 -11.88 0.94 20.61
N LEU A 23 -10.88 1.55 19.99
CA LEU A 23 -11.11 2.44 18.87
C LEU A 23 -11.24 1.61 17.59
N ASP A 24 -10.23 0.78 17.35
CA ASP A 24 -10.23 -0.06 16.17
C ASP A 24 -11.57 -0.81 16.07
N VAL A 25 -12.11 -1.13 17.24
CA VAL A 25 -13.38 -1.84 17.30
C VAL A 25 -14.47 -0.99 16.65
N LEU A 26 -14.58 0.24 17.12
CA LEU A 26 -15.57 1.16 16.59
C LEU A 26 -15.41 1.25 15.07
N LEU A 27 -14.15 1.27 14.64
CA LEU A 27 -13.84 1.36 13.22
C LEU A 27 -14.38 0.11 12.50
N SER A 28 -14.42 -0.99 13.25
CA SER A 28 -14.90 -2.24 12.70
C SER A 28 -16.42 -2.28 12.75
N MET A 29 -17.00 -1.23 13.31
CA MET A 29 -18.44 -1.12 13.43
C MET A 29 -19.02 -0.19 12.36
N GLY A 30 -18.11 0.48 11.66
CA GLY A 30 -18.50 1.41 10.62
C GLY A 30 -18.56 2.85 11.15
N PHE A 31 -17.63 3.15 12.04
CA PHE A 31 -17.57 4.48 12.63
C PHE A 31 -16.22 5.14 12.34
N PRO A 32 -16.27 6.48 12.15
CA PRO A 32 -15.07 7.25 11.88
C PRO A 32 -14.21 7.41 13.13
N ARG A 33 -12.91 7.29 12.94
CA ARG A 33 -11.97 7.43 14.05
C ARG A 33 -12.36 8.62 14.92
N ALA A 34 -12.58 9.76 14.28
CA ALA A 34 -12.95 10.96 14.99
C ALA A 34 -14.09 10.65 15.96
N ARG A 35 -15.19 10.19 15.39
CA ARG A 35 -16.36 9.84 16.20
C ARG A 35 -15.94 9.01 17.42
N ALA A 36 -15.33 7.88 17.14
CA ALA A 36 -14.86 6.99 18.19
C ALA A 36 -13.95 7.77 19.14
N GLN A 37 -13.16 8.66 18.55
CA GLN A 37 -12.24 9.46 19.33
C GLN A 37 -13.01 10.41 20.25
N LYS A 38 -13.83 11.25 19.64
CA LYS A 38 -14.62 12.20 20.39
C LYS A 38 -15.38 11.48 21.49
N ALA A 39 -15.89 10.30 21.14
CA ALA A 39 -16.64 9.49 22.09
C ALA A 39 -15.68 8.93 23.14
N LEU A 40 -14.70 8.17 22.67
CA LEU A 40 -13.71 7.57 23.55
C LEU A 40 -13.28 8.60 24.59
N ALA A 41 -12.76 9.72 24.10
CA ALA A 41 -12.31 10.78 24.99
C ALA A 41 -13.41 11.09 26.01
N SER A 42 -14.56 11.47 25.49
CA SER A 42 -15.70 11.79 26.35
C SER A 42 -15.80 10.79 27.50
N THR A 43 -15.85 9.52 27.12
CA THR A 43 -15.94 8.45 28.10
C THR A 43 -14.55 7.88 28.41
N GLY A 44 -13.56 8.75 28.30
CA GLY A 44 -12.19 8.34 28.56
C GLY A 44 -11.67 7.41 27.46
N GLY A 45 -12.24 6.22 27.42
CA GLY A 45 -11.85 5.23 26.44
C GLY A 45 -11.63 3.86 27.08
N ARG A 46 -12.63 3.43 27.83
CA ARG A 46 -12.56 2.15 28.50
C ARG A 46 -13.39 1.10 27.75
N SER A 47 -14.66 1.42 27.57
CA SER A 47 -15.57 0.53 26.87
C SER A 47 -16.18 1.24 25.67
N VAL A 48 -16.41 0.47 24.61
CA VAL A 48 -16.99 1.02 23.40
C VAL A 48 -18.50 1.19 23.60
N GLN A 49 -19.05 0.37 24.47
CA GLN A 49 -20.48 0.44 24.76
C GLN A 49 -20.84 1.80 25.34
N THR A 50 -20.12 2.17 26.40
CA THR A 50 -20.37 3.45 27.06
C THR A 50 -20.19 4.60 26.06
N ALA A 51 -19.26 4.40 25.14
CA ALA A 51 -18.98 5.42 24.14
C ALA A 51 -20.15 5.49 23.16
N CYS A 52 -20.59 4.32 22.73
CA CYS A 52 -21.70 4.23 21.79
C CYS A 52 -22.85 5.09 22.33
N ASP A 53 -23.11 4.92 23.62
CA ASP A 53 -24.18 5.66 24.27
C ASP A 53 -23.93 7.16 24.09
N TRP A 54 -22.69 7.55 24.31
CA TRP A 54 -22.31 8.95 24.17
C TRP A 54 -22.55 9.37 22.71
N LEU A 55 -21.98 8.58 21.81
CA LEU A 55 -22.13 8.86 20.39
C LEU A 55 -23.59 9.22 20.09
N PHE A 56 -24.44 8.21 20.16
CA PHE A 56 -25.85 8.40 19.90
C PHE A 56 -26.42 9.53 20.76
N SER A 57 -26.19 9.42 22.06
CA SER A 57 -26.68 10.42 22.99
C SER A 57 -26.50 11.82 22.40
N HIS A 58 -25.25 12.15 22.09
CA HIS A 58 -24.94 13.44 21.50
C HIS A 58 -24.75 13.30 20.00
N SER A 59 -25.86 13.38 19.29
CA SER A 59 -25.82 13.26 17.84
C SER A 59 -25.31 14.55 17.22
N GLY A 60 -24.05 14.52 16.80
CA GLY A 60 -23.43 15.69 16.19
C GLY A 60 -22.87 16.63 17.26
N PRO A 61 -22.07 17.61 16.78
CA PRO A 61 -21.46 18.59 17.68
C PRO A 61 -22.49 19.61 18.15
N SER A 62 -23.34 20.01 17.22
CA SER A 62 -24.38 20.98 17.52
C SER A 62 -23.75 22.31 17.94
N SER A 63 -24.51 23.38 17.75
CA SER A 63 -24.04 24.70 18.11
C SER A 63 -22.97 25.16 17.11
N GLY A 64 -21.90 24.37 17.03
CA GLY A 64 -20.81 24.69 16.12
C GLY A 64 -20.63 23.59 15.08
N GLY A 1 16.76 -6.61 -15.06
CA GLY A 1 15.78 -5.58 -15.39
C GLY A 1 14.36 -6.04 -15.01
N SER A 2 13.45 -5.08 -15.04
CA SER A 2 12.07 -5.37 -14.70
C SER A 2 11.23 -4.09 -14.79
N SER A 3 9.94 -4.28 -15.03
CA SER A 3 9.02 -3.15 -15.13
C SER A 3 7.60 -3.65 -15.39
N GLY A 4 6.65 -2.93 -14.82
CA GLY A 4 5.25 -3.29 -14.99
C GLY A 4 4.99 -4.73 -14.52
N SER A 5 3.73 -5.14 -14.65
CA SER A 5 3.35 -6.48 -14.23
C SER A 5 2.10 -6.92 -15.02
N SER A 6 1.04 -6.14 -14.86
CA SER A 6 -0.21 -6.44 -15.53
C SER A 6 -0.76 -7.77 -15.04
N GLY A 7 -2.09 -7.82 -14.92
CA GLY A 7 -2.75 -9.02 -14.46
C GLY A 7 -4.26 -8.81 -14.36
N ARG A 8 -5.00 -9.68 -15.04
CA ARG A 8 -6.45 -9.59 -15.04
C ARG A 8 -7.05 -10.84 -15.70
N ASN A 9 -7.85 -11.56 -14.93
CA ASN A 9 -8.50 -12.75 -15.43
C ASN A 9 -9.76 -13.02 -14.62
N ARG A 10 -10.86 -13.23 -15.34
CA ARG A 10 -12.13 -13.50 -14.69
C ARG A 10 -12.34 -15.01 -14.54
N GLN A 11 -12.28 -15.69 -15.67
CA GLN A 11 -12.47 -17.13 -15.67
C GLN A 11 -13.95 -17.49 -15.52
N GLN A 12 -14.53 -16.99 -14.45
CA GLN A 12 -15.93 -17.23 -14.17
C GLN A 12 -16.75 -15.96 -14.35
N ARG A 13 -17.66 -16.01 -15.30
CA ARG A 13 -18.52 -14.86 -15.59
C ARG A 13 -19.67 -15.27 -16.51
N PRO A 14 -20.82 -14.58 -16.34
CA PRO A 14 -21.99 -14.85 -17.13
C PRO A 14 -21.84 -14.30 -18.56
N GLY A 15 -20.80 -14.77 -19.22
CA GLY A 15 -20.52 -14.32 -20.58
C GLY A 15 -20.33 -15.52 -21.52
N THR A 16 -21.45 -16.14 -21.87
CA THR A 16 -21.43 -17.28 -22.76
C THR A 16 -22.58 -17.22 -23.76
N ILE A 17 -22.44 -17.97 -24.83
CA ILE A 17 -23.46 -18.01 -25.87
C ILE A 17 -24.65 -18.83 -25.37
N LYS A 18 -25.39 -18.23 -24.45
CA LYS A 18 -26.56 -18.89 -23.89
C LYS A 18 -27.70 -17.88 -23.78
N HIS A 19 -28.40 -17.70 -24.89
CA HIS A 19 -29.52 -16.76 -24.93
C HIS A 19 -30.81 -17.53 -25.23
N GLY A 20 -31.35 -18.14 -24.19
CA GLY A 20 -32.59 -18.90 -24.32
C GLY A 20 -33.80 -18.02 -24.08
N SER A 21 -34.96 -18.66 -24.04
CA SER A 21 -36.21 -17.94 -23.82
C SER A 21 -36.91 -18.50 -22.58
N ALA A 22 -37.65 -17.62 -21.92
CA ALA A 22 -38.38 -17.99 -20.72
C ALA A 22 -39.06 -19.34 -20.95
N LEU A 23 -39.61 -19.49 -22.15
CA LEU A 23 -40.30 -20.72 -22.51
C LEU A 23 -39.28 -21.84 -22.65
N ASP A 24 -38.36 -21.65 -23.59
CA ASP A 24 -37.32 -22.64 -23.84
C ASP A 24 -36.72 -23.08 -22.50
N VAL A 25 -36.54 -22.11 -21.62
CA VAL A 25 -35.97 -22.39 -20.31
C VAL A 25 -36.80 -23.48 -19.62
N LEU A 26 -38.10 -23.28 -19.63
CA LEU A 26 -39.01 -24.22 -19.01
C LEU A 26 -38.81 -25.61 -19.64
N LEU A 27 -38.55 -25.59 -20.94
CA LEU A 27 -38.34 -26.83 -21.67
C LEU A 27 -37.13 -27.56 -21.09
N SER A 28 -36.17 -26.78 -20.64
CA SER A 28 -34.96 -27.34 -20.05
C SER A 28 -35.28 -27.98 -18.69
N MET A 29 -36.11 -27.29 -17.94
CA MET A 29 -36.51 -27.77 -16.62
C MET A 29 -37.20 -29.13 -16.72
N GLY A 30 -37.78 -29.37 -17.89
CA GLY A 30 -38.47 -30.63 -18.14
C GLY A 30 -39.98 -30.40 -18.28
N PHE A 31 -40.32 -29.20 -18.73
CA PHE A 31 -41.72 -28.85 -18.91
C PHE A 31 -42.08 -28.77 -20.40
N PRO A 32 -43.33 -29.17 -20.71
CA PRO A 32 -43.80 -29.15 -22.09
C PRO A 32 -44.12 -27.73 -22.55
N ARG A 33 -43.80 -27.46 -23.80
CA ARG A 33 -44.04 -26.15 -24.37
C ARG A 33 -45.44 -25.65 -23.99
N ALA A 34 -46.43 -26.49 -24.26
CA ALA A 34 -47.80 -26.15 -23.95
C ALA A 34 -47.89 -25.65 -22.51
N ARG A 35 -47.64 -26.57 -21.59
CA ARG A 35 -47.69 -26.24 -20.17
C ARG A 35 -47.09 -24.86 -19.93
N ALA A 36 -45.86 -24.69 -20.37
CA ALA A 36 -45.17 -23.42 -20.20
C ALA A 36 -45.98 -22.31 -20.90
N GLN A 37 -46.42 -22.62 -22.10
CA GLN A 37 -47.19 -21.67 -22.88
C GLN A 37 -48.40 -21.18 -22.06
N LYS A 38 -49.26 -22.13 -21.71
CA LYS A 38 -50.44 -21.81 -20.94
C LYS A 38 -50.05 -20.91 -19.76
N ALA A 39 -49.10 -21.41 -18.98
CA ALA A 39 -48.62 -20.67 -17.82
C ALA A 39 -48.18 -19.28 -18.25
N LEU A 40 -47.17 -19.26 -19.10
CA LEU A 40 -46.63 -18.00 -19.60
C LEU A 40 -47.79 -17.05 -19.91
N ALA A 41 -48.64 -17.48 -20.82
CA ALA A 41 -49.80 -16.68 -21.22
C ALA A 41 -50.43 -16.07 -19.97
N SER A 42 -50.91 -16.94 -19.10
CA SER A 42 -51.55 -16.50 -17.87
C SER A 42 -50.75 -15.36 -17.24
N THR A 43 -49.47 -15.63 -16.99
CA THR A 43 -48.60 -14.64 -16.40
C THR A 43 -47.90 -13.83 -17.49
N GLY A 44 -48.60 -13.65 -18.60
CA GLY A 44 -48.06 -12.90 -19.71
C GLY A 44 -46.86 -13.62 -20.33
N GLY A 45 -45.69 -13.37 -19.73
CA GLY A 45 -44.47 -13.99 -20.21
C GLY A 45 -43.26 -13.10 -19.89
N ARG A 46 -43.09 -12.82 -18.61
CA ARG A 46 -41.98 -12.00 -18.17
C ARG A 46 -40.94 -12.85 -17.43
N SER A 47 -41.42 -13.54 -16.41
CA SER A 47 -40.54 -14.40 -15.62
C SER A 47 -41.02 -15.84 -15.69
N VAL A 48 -40.07 -16.76 -15.63
CA VAL A 48 -40.38 -18.18 -15.69
C VAL A 48 -40.73 -18.68 -14.29
N GLN A 49 -40.20 -17.97 -13.29
CA GLN A 49 -40.46 -18.33 -11.91
C GLN A 49 -41.94 -18.15 -11.58
N THR A 50 -42.48 -17.01 -12.02
CA THR A 50 -43.88 -16.71 -11.78
C THR A 50 -44.78 -17.76 -12.43
N ALA A 51 -44.50 -18.04 -13.68
CA ALA A 51 -45.26 -19.02 -14.43
C ALA A 51 -45.25 -20.35 -13.67
N CYS A 52 -44.04 -20.77 -13.31
CA CYS A 52 -43.87 -22.02 -12.58
C CYS A 52 -44.88 -22.05 -11.43
N ASP A 53 -44.87 -20.98 -10.65
CA ASP A 53 -45.77 -20.88 -9.51
C ASP A 53 -47.20 -21.17 -9.98
N TRP A 54 -47.58 -20.51 -11.07
CA TRP A 54 -48.91 -20.69 -11.62
C TRP A 54 -49.08 -22.17 -11.95
N LEU A 55 -48.14 -22.70 -12.71
CA LEU A 55 -48.18 -24.10 -13.10
C LEU A 55 -48.58 -24.95 -11.90
N PHE A 56 -47.73 -24.94 -10.89
CA PHE A 56 -47.99 -25.70 -9.68
C PHE A 56 -49.33 -25.30 -9.05
N SER A 57 -49.46 -24.01 -8.81
CA SER A 57 -50.68 -23.48 -8.21
C SER A 57 -51.78 -23.39 -9.27
N HIS A 58 -52.58 -24.45 -9.34
CA HIS A 58 -53.66 -24.50 -10.30
C HIS A 58 -55.01 -24.40 -9.57
N SER A 59 -56.07 -24.33 -10.35
CA SER A 59 -57.41 -24.24 -9.79
C SER A 59 -58.43 -24.83 -10.76
N GLY A 60 -59.26 -25.70 -10.23
CA GLY A 60 -60.28 -26.35 -11.04
C GLY A 60 -60.18 -27.88 -10.94
N PRO A 61 -61.27 -28.55 -11.39
CA PRO A 61 -61.32 -30.00 -11.36
C PRO A 61 -60.45 -30.60 -12.47
N SER A 62 -59.65 -31.58 -12.08
CA SER A 62 -58.77 -32.24 -13.02
C SER A 62 -58.72 -33.74 -12.74
N SER A 63 -58.33 -34.08 -11.52
CA SER A 63 -58.25 -35.47 -11.11
C SER A 63 -59.53 -36.21 -11.50
N GLY A 64 -59.35 -37.46 -11.91
CA GLY A 64 -60.49 -38.27 -12.31
C GLY A 64 -61.47 -38.46 -11.16
N GLY A 1 16.76 -6.61 -15.06
CA GLY A 1 15.78 -5.58 -15.39
C GLY A 1 14.92 -5.24 -14.17
N SER A 2 14.53 -3.97 -14.10
CA SER A 2 13.72 -3.49 -13.00
C SER A 2 13.22 -2.07 -13.28
N SER A 3 12.04 -1.78 -12.77
CA SER A 3 11.45 -0.46 -12.96
C SER A 3 10.15 -0.35 -12.17
N GLY A 4 9.69 0.89 -12.02
CA GLY A 4 8.47 1.14 -11.28
C GLY A 4 7.71 2.33 -11.86
N SER A 5 6.41 2.16 -12.01
CA SER A 5 5.57 3.22 -12.55
C SER A 5 4.18 3.17 -11.91
N SER A 6 4.08 3.81 -10.75
CA SER A 6 2.82 3.85 -10.02
C SER A 6 2.72 5.14 -9.22
N GLY A 7 3.69 5.34 -8.35
CA GLY A 7 3.72 6.54 -7.52
C GLY A 7 4.77 6.41 -6.42
N ARG A 8 5.13 7.55 -5.84
CA ARG A 8 6.12 7.58 -4.78
C ARG A 8 5.42 7.57 -3.41
N ASN A 9 4.54 8.54 -3.22
CA ASN A 9 3.81 8.66 -1.98
C ASN A 9 4.80 8.85 -0.83
N ARG A 10 4.29 9.42 0.26
CA ARG A 10 5.12 9.65 1.44
C ARG A 10 4.98 8.50 2.43
N GLN A 11 5.85 7.51 2.25
CA GLN A 11 5.83 6.35 3.12
C GLN A 11 6.96 5.39 2.76
N GLN A 12 8.08 5.55 3.45
CA GLN A 12 9.24 4.72 3.21
C GLN A 12 9.89 4.32 4.53
N ARG A 13 9.32 3.31 5.15
CA ARG A 13 9.83 2.82 6.42
C ARG A 13 8.98 1.63 6.92
N PRO A 14 9.62 0.79 7.77
CA PRO A 14 8.94 -0.37 8.31
C PRO A 14 7.96 0.03 9.41
N GLY A 15 8.42 0.91 10.28
CA GLY A 15 7.59 1.39 11.38
C GLY A 15 6.74 0.26 11.96
N THR A 16 7.41 -0.65 12.65
CA THR A 16 6.73 -1.78 13.25
C THR A 16 7.53 -2.31 14.45
N ILE A 17 6.79 -2.78 15.46
CA ILE A 17 7.41 -3.30 16.66
C ILE A 17 6.68 -4.57 17.09
N LYS A 18 6.85 -5.62 16.30
CA LYS A 18 6.21 -6.89 16.60
C LYS A 18 7.09 -8.03 16.10
N HIS A 19 8.27 -8.14 16.70
CA HIS A 19 9.21 -9.18 16.31
C HIS A 19 9.67 -8.96 14.87
N GLY A 20 10.96 -9.13 14.67
CA GLY A 20 11.54 -8.95 13.34
C GLY A 20 11.66 -10.29 12.61
N SER A 21 12.60 -10.34 11.68
CA SER A 21 12.82 -11.54 10.90
C SER A 21 14.05 -11.37 10.00
N ALA A 22 14.83 -12.44 9.91
CA ALA A 22 16.03 -12.41 9.09
C ALA A 22 15.73 -11.70 7.77
N LEU A 23 14.51 -11.89 7.30
CA LEU A 23 14.08 -11.27 6.05
C LEU A 23 13.77 -9.79 6.30
N ASP A 24 12.93 -9.56 7.29
CA ASP A 24 12.54 -8.20 7.63
C ASP A 24 13.81 -7.35 7.84
N VAL A 25 14.85 -8.02 8.30
CA VAL A 25 16.12 -7.34 8.54
C VAL A 25 16.68 -6.83 7.21
N LEU A 26 16.81 -7.75 6.26
CA LEU A 26 17.33 -7.40 4.96
C LEU A 26 16.52 -6.23 4.38
N LEU A 27 15.21 -6.30 4.59
CA LEU A 27 14.32 -5.26 4.11
C LEU A 27 14.73 -3.92 4.72
N SER A 28 15.19 -3.98 5.95
CA SER A 28 15.62 -2.79 6.66
C SER A 28 16.90 -2.23 6.03
N MET A 29 17.75 -3.15 5.61
CA MET A 29 19.01 -2.77 4.99
C MET A 29 18.77 -2.04 3.66
N GLY A 30 17.59 -2.26 3.10
CA GLY A 30 17.23 -1.64 1.85
C GLY A 30 17.17 -2.65 0.72
N PHE A 31 16.95 -3.90 1.10
CA PHE A 31 16.87 -4.99 0.14
C PHE A 31 15.41 -5.41 -0.09
N PRO A 32 15.12 -5.80 -1.35
CA PRO A 32 13.77 -6.23 -1.72
C PRO A 32 13.49 -7.63 -1.18
N ARG A 33 12.30 -7.78 -0.60
CA ARG A 33 11.89 -9.06 -0.04
C ARG A 33 12.36 -10.20 -0.95
N ALA A 34 12.05 -10.05 -2.23
CA ALA A 34 12.42 -11.07 -3.20
C ALA A 34 13.90 -11.41 -3.04
N ARG A 35 14.74 -10.41 -3.21
CA ARG A 35 16.18 -10.59 -3.06
C ARG A 35 16.49 -11.42 -1.81
N ALA A 36 16.06 -10.88 -0.68
CA ALA A 36 16.29 -11.56 0.58
C ALA A 36 15.70 -12.97 0.52
N GLN A 37 14.54 -13.06 -0.10
CA GLN A 37 13.86 -14.35 -0.24
C GLN A 37 14.74 -15.33 -1.02
N LYS A 38 15.02 -14.96 -2.27
CA LYS A 38 15.85 -15.80 -3.12
C LYS A 38 17.10 -16.24 -2.35
N ALA A 39 17.75 -15.26 -1.74
CA ALA A 39 18.95 -15.53 -0.97
C ALA A 39 18.62 -16.48 0.18
N LEU A 40 17.74 -16.02 1.05
CA LEU A 40 17.32 -16.81 2.19
C LEU A 40 17.13 -18.26 1.76
N ALA A 41 16.13 -18.47 0.91
CA ALA A 41 15.84 -19.81 0.42
C ALA A 41 17.15 -20.52 0.08
N SER A 42 17.88 -19.95 -0.86
CA SER A 42 19.15 -20.52 -1.27
C SER A 42 19.93 -21.00 -0.05
N THR A 43 20.20 -20.05 0.84
CA THR A 43 20.95 -20.35 2.05
C THR A 43 19.98 -20.74 3.18
N GLY A 44 18.89 -21.37 2.80
CA GLY A 44 17.88 -21.79 3.75
C GLY A 44 17.15 -20.60 4.35
N GLY A 45 17.80 -19.97 5.34
CA GLY A 45 17.22 -18.81 5.99
C GLY A 45 17.53 -18.83 7.49
N ARG A 46 18.81 -18.90 7.80
CA ARG A 46 19.25 -18.93 9.19
C ARG A 46 19.93 -17.60 9.55
N SER A 47 20.89 -17.22 8.72
CA SER A 47 21.62 -15.99 8.94
C SER A 47 21.43 -15.04 7.75
N VAL A 48 21.31 -13.76 8.06
CA VAL A 48 21.13 -12.76 7.03
C VAL A 48 22.49 -12.45 6.37
N GLN A 49 23.54 -12.68 7.14
CA GLN A 49 24.89 -12.43 6.64
C GLN A 49 25.20 -13.34 5.46
N THR A 50 25.01 -14.64 5.69
CA THR A 50 25.26 -15.62 4.64
C THR A 50 24.51 -15.25 3.37
N ALA A 51 23.23 -14.95 3.54
CA ALA A 51 22.39 -14.57 2.42
C ALA A 51 23.04 -13.41 1.66
N CYS A 52 23.39 -12.38 2.40
CA CYS A 52 24.02 -11.21 1.82
C CYS A 52 25.08 -11.68 0.82
N ASP A 53 25.99 -12.52 1.32
CA ASP A 53 27.05 -13.04 0.49
C ASP A 53 26.46 -13.56 -0.83
N TRP A 54 25.34 -14.26 -0.70
CA TRP A 54 24.66 -14.81 -1.87
C TRP A 54 24.12 -13.64 -2.69
N LEU A 55 23.47 -12.73 -2.00
CA LEU A 55 22.89 -11.56 -2.65
C LEU A 55 23.92 -10.95 -3.59
N PHE A 56 25.14 -10.82 -3.09
CA PHE A 56 26.23 -10.25 -3.87
C PHE A 56 26.82 -11.30 -4.82
N SER A 57 27.21 -12.43 -4.25
CA SER A 57 27.80 -13.50 -5.02
C SER A 57 28.83 -12.94 -6.00
N HIS A 58 30.06 -12.86 -5.53
CA HIS A 58 31.14 -12.35 -6.35
C HIS A 58 31.49 -13.35 -7.44
N SER A 59 31.80 -14.57 -7.01
CA SER A 59 32.14 -15.63 -7.94
C SER A 59 31.30 -16.87 -7.66
N GLY A 60 30.55 -17.28 -8.68
CA GLY A 60 29.69 -18.45 -8.55
C GLY A 60 30.52 -19.71 -8.33
N PRO A 61 29.86 -20.75 -7.73
CA PRO A 61 30.52 -22.01 -7.46
C PRO A 61 30.68 -22.81 -8.75
N SER A 62 31.43 -22.24 -9.68
CA SER A 62 31.68 -22.90 -10.95
C SER A 62 32.33 -24.26 -10.73
N SER A 63 31.51 -25.30 -10.78
CA SER A 63 32.00 -26.65 -10.58
C SER A 63 32.48 -26.82 -9.14
N GLY A 64 31.84 -27.74 -8.43
CA GLY A 64 32.19 -28.01 -7.05
C GLY A 64 31.76 -29.42 -6.64
N GLY A 1 16.76 -6.61 -15.06
CA GLY A 1 15.78 -5.58 -15.39
C GLY A 1 16.37 -4.55 -16.33
N SER A 2 15.59 -3.50 -16.58
CA SER A 2 16.02 -2.42 -17.46
C SER A 2 15.31 -1.13 -17.09
N SER A 3 13.99 -1.18 -17.15
CA SER A 3 13.18 -0.01 -16.82
C SER A 3 11.82 -0.44 -16.29
N GLY A 4 11.72 -0.46 -14.96
CA GLY A 4 10.48 -0.86 -14.31
C GLY A 4 10.22 -2.36 -14.51
N SER A 5 9.25 -2.85 -13.75
CA SER A 5 8.89 -4.26 -13.81
C SER A 5 7.47 -4.42 -14.35
N SER A 6 6.53 -3.81 -13.64
CA SER A 6 5.14 -3.87 -14.04
C SER A 6 4.66 -5.32 -14.07
N GLY A 7 3.35 -5.48 -14.19
CA GLY A 7 2.77 -6.81 -14.22
C GLY A 7 1.33 -6.79 -13.69
N ARG A 8 0.78 -7.98 -13.51
CA ARG A 8 -0.58 -8.10 -13.02
C ARG A 8 -1.54 -7.30 -13.89
N ASN A 9 -2.01 -7.93 -14.96
CA ASN A 9 -2.92 -7.29 -15.87
C ASN A 9 -4.24 -8.08 -15.91
N ARG A 10 -5.26 -7.43 -16.46
CA ARG A 10 -6.57 -8.06 -16.56
C ARG A 10 -7.20 -7.75 -17.92
N GLN A 11 -7.91 -8.75 -18.44
CA GLN A 11 -8.56 -8.60 -19.73
C GLN A 11 -10.04 -8.27 -19.53
N GLN A 12 -10.65 -8.97 -18.59
CA GLN A 12 -12.06 -8.76 -18.29
C GLN A 12 -12.89 -8.91 -19.57
N ARG A 13 -13.45 -10.10 -19.74
CA ARG A 13 -14.27 -10.39 -20.90
C ARG A 13 -15.58 -11.04 -20.47
N PRO A 14 -16.65 -10.77 -21.28
CA PRO A 14 -17.96 -11.31 -20.99
C PRO A 14 -18.03 -12.80 -21.36
N GLY A 15 -18.45 -13.59 -20.38
CA GLY A 15 -18.56 -15.03 -20.59
C GLY A 15 -19.98 -15.51 -20.34
N THR A 16 -20.58 -16.08 -21.38
CA THR A 16 -21.94 -16.58 -21.29
C THR A 16 -22.02 -18.01 -21.84
N ILE A 17 -21.88 -18.97 -20.94
CA ILE A 17 -21.94 -20.36 -21.33
C ILE A 17 -23.22 -20.99 -20.76
N LYS A 18 -23.54 -20.62 -19.54
CA LYS A 18 -24.72 -21.13 -18.88
C LYS A 18 -25.44 -19.99 -18.15
N HIS A 19 -26.20 -19.22 -18.91
CA HIS A 19 -26.94 -18.11 -18.35
C HIS A 19 -25.96 -17.13 -17.68
N GLY A 20 -26.46 -15.95 -17.39
CA GLY A 20 -25.65 -14.93 -16.75
C GLY A 20 -26.51 -13.76 -16.26
N SER A 21 -27.30 -14.05 -15.23
CA SER A 21 -28.18 -13.04 -14.65
C SER A 21 -27.37 -11.78 -14.30
N ALA A 22 -27.99 -10.64 -14.53
CA ALA A 22 -27.35 -9.36 -14.25
C ALA A 22 -26.60 -9.46 -12.93
N LEU A 23 -27.19 -10.20 -12.00
CA LEU A 23 -26.59 -10.38 -10.70
C LEU A 23 -25.41 -11.37 -10.81
N ASP A 24 -25.68 -12.48 -11.46
CA ASP A 24 -24.68 -13.50 -11.64
C ASP A 24 -23.47 -12.90 -12.37
N VAL A 25 -23.74 -11.85 -13.12
CA VAL A 25 -22.70 -11.16 -13.86
C VAL A 25 -21.76 -10.45 -12.88
N LEU A 26 -22.35 -9.57 -12.08
CA LEU A 26 -21.58 -8.83 -11.10
C LEU A 26 -20.74 -9.79 -10.27
N LEU A 27 -21.34 -10.94 -9.97
CA LEU A 27 -20.67 -11.94 -9.17
C LEU A 27 -19.38 -12.37 -9.88
N SER A 28 -19.48 -12.47 -11.20
CA SER A 28 -18.33 -12.86 -12.00
C SER A 28 -17.26 -11.77 -11.94
N MET A 29 -17.72 -10.53 -11.89
CA MET A 29 -16.82 -9.39 -11.84
C MET A 29 -16.01 -9.40 -10.54
N GLY A 30 -16.57 -10.03 -9.53
CA GLY A 30 -15.92 -10.11 -8.24
C GLY A 30 -16.70 -9.35 -7.17
N PHE A 31 -18.00 -9.23 -7.40
CA PHE A 31 -18.86 -8.52 -6.47
C PHE A 31 -19.76 -9.50 -5.71
N PRO A 32 -20.03 -9.15 -4.43
CA PRO A 32 -20.87 -9.99 -3.58
C PRO A 32 -22.35 -9.84 -3.96
N ARG A 33 -23.05 -10.97 -3.91
CA ARG A 33 -24.46 -10.97 -4.24
C ARG A 33 -25.17 -9.81 -3.56
N ALA A 34 -24.87 -9.63 -2.28
CA ALA A 34 -25.48 -8.56 -1.51
C ALA A 34 -25.27 -7.23 -2.23
N ARG A 35 -24.01 -6.83 -2.31
CA ARG A 35 -23.66 -5.58 -2.98
C ARG A 35 -24.49 -5.41 -4.26
N ALA A 36 -24.40 -6.42 -5.12
CA ALA A 36 -25.13 -6.39 -6.37
C ALA A 36 -26.63 -6.27 -6.09
N GLN A 37 -27.08 -7.08 -5.15
CA GLN A 37 -28.49 -7.08 -4.76
C GLN A 37 -28.93 -5.66 -4.40
N LYS A 38 -28.32 -5.14 -3.34
CA LYS A 38 -28.65 -3.80 -2.87
C LYS A 38 -28.74 -2.86 -4.07
N ALA A 39 -27.66 -2.80 -4.83
CA ALA A 39 -27.61 -1.94 -6.00
C ALA A 39 -28.80 -2.28 -6.92
N LEU A 40 -28.82 -3.52 -7.39
CA LEU A 40 -29.88 -3.96 -8.27
C LEU A 40 -31.22 -3.42 -7.76
N ALA A 41 -31.58 -3.85 -6.56
CA ALA A 41 -32.83 -3.42 -5.95
C ALA A 41 -33.03 -1.92 -6.22
N SER A 42 -32.12 -1.13 -5.70
CA SER A 42 -32.19 0.31 -5.88
C SER A 42 -32.53 0.64 -7.33
N THR A 43 -31.78 0.03 -8.24
CA THR A 43 -32.00 0.25 -9.65
C THR A 43 -32.88 -0.85 -10.23
N GLY A 44 -33.79 -1.33 -9.40
CA GLY A 44 -34.71 -2.39 -9.82
C GLY A 44 -33.94 -3.66 -10.18
N GLY A 45 -33.37 -3.66 -11.37
CA GLY A 45 -32.61 -4.81 -11.84
C GLY A 45 -32.78 -5.01 -13.35
N ARG A 46 -32.44 -3.96 -14.09
CA ARG A 46 -32.56 -4.01 -15.54
C ARG A 46 -31.17 -4.11 -16.18
N SER A 47 -30.32 -3.17 -15.81
CA SER A 47 -28.96 -3.14 -16.34
C SER A 47 -27.95 -3.23 -15.20
N VAL A 48 -26.84 -3.90 -15.47
CA VAL A 48 -25.80 -4.07 -14.49
C VAL A 48 -24.91 -2.82 -14.47
N GLN A 49 -24.92 -2.11 -15.60
CA GLN A 49 -24.12 -0.91 -15.73
C GLN A 49 -24.64 0.17 -14.77
N THR A 50 -25.94 0.40 -14.83
CA THR A 50 -26.56 1.41 -13.98
C THR A 50 -26.27 1.10 -12.51
N ALA A 51 -26.49 -0.16 -12.14
CA ALA A 51 -26.25 -0.59 -10.77
C ALA A 51 -24.83 -0.24 -10.37
N CYS A 52 -23.88 -0.61 -11.23
CA CYS A 52 -22.49 -0.34 -10.97
C CYS A 52 -22.34 1.12 -10.55
N ASP A 53 -22.85 2.00 -11.40
CA ASP A 53 -22.79 3.43 -11.14
C ASP A 53 -23.26 3.70 -9.71
N TRP A 54 -24.44 3.17 -9.40
CA TRP A 54 -25.01 3.34 -8.08
C TRP A 54 -23.99 2.84 -7.05
N LEU A 55 -23.58 1.60 -7.23
CA LEU A 55 -22.61 0.99 -6.33
C LEU A 55 -21.53 2.03 -5.99
N PHE A 56 -20.74 2.38 -6.99
CA PHE A 56 -19.68 3.35 -6.80
C PHE A 56 -20.21 4.64 -6.18
N SER A 57 -21.23 5.19 -6.82
CA SER A 57 -21.84 6.42 -6.35
C SER A 57 -22.28 6.25 -4.89
N HIS A 58 -22.40 7.39 -4.20
CA HIS A 58 -22.80 7.37 -2.81
C HIS A 58 -24.20 7.99 -2.68
N SER A 59 -25.00 7.40 -1.80
CA SER A 59 -26.36 7.87 -1.58
C SER A 59 -26.57 8.12 -0.09
N GLY A 60 -26.24 9.32 0.34
CA GLY A 60 -26.39 9.69 1.73
C GLY A 60 -25.42 10.82 2.12
N PRO A 61 -25.68 11.41 3.31
CA PRO A 61 -24.84 12.50 3.80
C PRO A 61 -23.51 11.95 4.33
N SER A 62 -22.51 12.00 3.46
CA SER A 62 -21.18 11.52 3.82
C SER A 62 -20.42 12.61 4.56
N SER A 63 -20.59 13.84 4.09
CA SER A 63 -19.93 14.98 4.68
C SER A 63 -18.41 14.85 4.52
N GLY A 64 -17.75 15.98 4.37
CA GLY A 64 -16.31 16.01 4.21
C GLY A 64 -15.60 15.58 5.49
N GLY A 1 16.76 -6.61 -15.06
CA GLY A 1 15.78 -5.58 -15.39
C GLY A 1 15.13 -5.01 -14.12
N SER A 2 14.36 -3.96 -14.31
CA SER A 2 13.68 -3.32 -13.21
C SER A 2 12.77 -2.19 -13.72
N SER A 3 11.91 -1.73 -12.84
CA SER A 3 10.98 -0.67 -13.19
C SER A 3 10.55 0.09 -11.93
N GLY A 4 9.89 1.22 -12.15
CA GLY A 4 9.42 2.04 -11.05
C GLY A 4 9.80 3.51 -11.25
N SER A 5 8.78 4.33 -11.42
CA SER A 5 8.99 5.75 -11.62
C SER A 5 7.65 6.48 -11.71
N SER A 6 7.72 7.80 -11.65
CA SER A 6 6.51 8.62 -11.72
C SER A 6 5.64 8.37 -10.49
N GLY A 7 5.18 9.46 -9.89
CA GLY A 7 4.34 9.39 -8.72
C GLY A 7 3.29 10.50 -8.72
N ARG A 8 3.48 11.45 -7.80
CA ARG A 8 2.56 12.57 -7.69
C ARG A 8 3.13 13.62 -6.73
N ASN A 9 2.89 14.88 -7.08
CA ASN A 9 3.37 15.98 -6.26
C ASN A 9 2.69 17.27 -6.71
N ARG A 10 2.28 18.06 -5.72
CA ARG A 10 1.61 19.32 -6.01
C ARG A 10 1.70 20.25 -4.79
N GLN A 11 2.68 21.15 -4.84
CA GLN A 11 2.88 22.09 -3.75
C GLN A 11 3.82 23.21 -4.20
N GLN A 12 3.31 24.43 -4.15
CA GLN A 12 4.10 25.58 -4.54
C GLN A 12 3.66 26.82 -3.75
N ARG A 13 4.64 27.59 -3.32
CA ARG A 13 4.38 28.79 -2.55
C ARG A 13 5.69 29.54 -2.26
N PRO A 14 5.56 30.89 -2.17
CA PRO A 14 6.72 31.72 -1.89
C PRO A 14 7.12 31.63 -0.42
N GLY A 15 8.30 31.06 -0.19
CA GLY A 15 8.81 30.90 1.15
C GLY A 15 7.69 30.50 2.11
N THR A 16 7.52 31.33 3.14
CA THR A 16 6.49 31.09 4.14
C THR A 16 5.63 32.33 4.34
N ILE A 17 4.33 32.10 4.46
CA ILE A 17 3.39 33.19 4.65
C ILE A 17 2.41 32.82 5.76
N LYS A 18 1.88 33.85 6.40
CA LYS A 18 0.92 33.65 7.48
C LYS A 18 -0.28 32.86 6.97
N HIS A 19 -1.05 32.32 7.90
CA HIS A 19 -2.22 31.55 7.55
C HIS A 19 -3.34 32.49 7.11
N GLY A 20 -4.27 31.94 6.33
CA GLY A 20 -5.39 32.71 5.83
C GLY A 20 -5.97 32.09 4.56
N SER A 21 -5.21 32.22 3.48
CA SER A 21 -5.64 31.67 2.20
C SER A 21 -6.66 32.60 1.55
N ALA A 22 -6.74 32.52 0.24
CA ALA A 22 -7.67 33.34 -0.51
C ALA A 22 -9.08 32.73 -0.42
N LEU A 23 -9.16 31.47 -0.79
CA LEU A 23 -10.43 30.76 -0.75
C LEU A 23 -11.16 31.10 0.55
N ASP A 24 -10.41 31.00 1.64
CA ASP A 24 -10.97 31.29 2.95
C ASP A 24 -11.74 32.62 2.89
N VAL A 25 -11.14 33.58 2.22
CA VAL A 25 -11.76 34.89 2.07
C VAL A 25 -13.16 34.73 1.48
N LEU A 26 -13.20 34.09 0.31
CA LEU A 26 -14.46 33.87 -0.37
C LEU A 26 -15.45 33.20 0.59
N LEU A 27 -14.93 32.25 1.36
CA LEU A 27 -15.74 31.53 2.32
C LEU A 27 -16.33 32.52 3.32
N SER A 28 -15.50 33.46 3.74
CA SER A 28 -15.93 34.47 4.70
C SER A 28 -17.04 35.33 4.08
N MET A 29 -16.89 35.60 2.80
CA MET A 29 -17.87 36.42 2.09
C MET A 29 -19.25 35.76 2.11
N GLY A 30 -19.23 34.43 2.26
CA GLY A 30 -20.47 33.67 2.29
C GLY A 30 -20.51 32.65 1.15
N PHE A 31 -19.63 32.84 0.19
CA PHE A 31 -19.56 31.95 -0.96
C PHE A 31 -19.16 30.54 -0.52
N PRO A 32 -19.74 29.53 -1.23
CA PRO A 32 -19.46 28.14 -0.93
C PRO A 32 -18.06 27.74 -1.44
N ARG A 33 -17.39 26.93 -0.63
CA ARG A 33 -16.05 26.47 -0.99
C ARG A 33 -15.97 26.18 -2.48
N ALA A 34 -16.78 25.23 -2.91
CA ALA A 34 -16.81 24.84 -4.31
C ALA A 34 -16.72 26.10 -5.19
N ARG A 35 -17.74 26.95 -5.05
CA ARG A 35 -17.79 28.18 -5.81
C ARG A 35 -16.39 28.79 -5.92
N ALA A 36 -15.84 29.14 -4.76
CA ALA A 36 -14.52 29.74 -4.71
C ALA A 36 -13.51 28.79 -5.37
N GLN A 37 -13.60 27.53 -4.99
CA GLN A 37 -12.71 26.51 -5.52
C GLN A 37 -12.72 26.55 -7.05
N LYS A 38 -13.90 26.34 -7.62
CA LYS A 38 -14.05 26.35 -9.06
C LYS A 38 -13.48 27.65 -9.62
N ALA A 39 -13.99 28.76 -9.11
CA ALA A 39 -13.54 30.06 -9.55
C ALA A 39 -12.01 30.12 -9.48
N LEU A 40 -11.50 30.00 -8.25
CA LEU A 40 -10.07 30.04 -8.04
C LEU A 40 -9.37 29.24 -9.14
N ALA A 41 -9.69 27.96 -9.21
CA ALA A 41 -9.11 27.09 -10.22
C ALA A 41 -9.08 27.81 -11.57
N SER A 42 -10.27 28.19 -12.03
CA SER A 42 -10.38 28.89 -13.29
C SER A 42 -9.32 29.99 -13.39
N THR A 43 -9.30 30.84 -12.37
CA THR A 43 -8.35 31.93 -12.33
C THR A 43 -7.07 31.49 -11.61
N GLY A 44 -6.74 30.22 -11.77
CA GLY A 44 -5.56 29.67 -11.14
C GLY A 44 -5.72 29.59 -9.62
N GLY A 45 -5.71 30.76 -9.00
CA GLY A 45 -5.85 30.86 -7.56
C GLY A 45 -4.80 31.79 -6.95
N ARG A 46 -4.82 33.03 -7.43
CA ARG A 46 -3.88 34.02 -6.95
C ARG A 46 -4.60 35.06 -6.09
N SER A 47 -5.62 35.66 -6.67
CA SER A 47 -6.40 36.67 -5.97
C SER A 47 -7.87 36.26 -5.92
N VAL A 48 -8.55 36.72 -4.88
CA VAL A 48 -9.96 36.40 -4.71
C VAL A 48 -10.79 37.36 -5.55
N GLN A 49 -10.27 38.57 -5.73
CA GLN A 49 -10.94 39.59 -6.51
C GLN A 49 -11.18 39.09 -7.94
N THR A 50 -10.10 38.61 -8.56
CA THR A 50 -10.17 38.11 -9.91
C THR A 50 -11.21 37.00 -10.01
N ALA A 51 -11.07 36.02 -9.14
CA ALA A 51 -12.00 34.90 -9.12
C ALA A 51 -13.44 35.42 -9.08
N CYS A 52 -13.65 36.39 -8.20
CA CYS A 52 -14.97 36.98 -8.05
C CYS A 52 -15.51 37.31 -9.45
N ASP A 53 -14.75 38.13 -10.16
CA ASP A 53 -15.15 38.52 -11.50
C ASP A 53 -15.66 37.30 -12.26
N TRP A 54 -14.89 36.22 -12.17
CA TRP A 54 -15.26 34.99 -12.83
C TRP A 54 -16.59 34.50 -12.24
N LEU A 55 -16.61 34.40 -10.92
CA LEU A 55 -17.79 33.95 -10.22
C LEU A 55 -19.03 34.60 -10.85
N PHE A 56 -19.12 35.91 -10.68
CA PHE A 56 -20.24 36.67 -11.22
C PHE A 56 -20.39 36.40 -12.72
N SER A 57 -19.29 36.55 -13.43
CA SER A 57 -19.29 36.32 -14.87
C SER A 57 -20.29 37.28 -15.54
N HIS A 58 -20.25 37.29 -16.86
CA HIS A 58 -21.14 38.13 -17.63
C HIS A 58 -20.93 39.60 -17.23
N SER A 59 -21.42 40.48 -18.08
CA SER A 59 -21.29 41.91 -17.84
C SER A 59 -22.39 42.67 -18.58
N GLY A 60 -23.44 42.98 -17.84
CA GLY A 60 -24.57 43.70 -18.41
C GLY A 60 -25.78 43.66 -17.48
N PRO A 61 -26.88 44.35 -17.92
CA PRO A 61 -28.09 44.39 -17.14
C PRO A 61 -28.85 43.06 -17.23
N SER A 62 -28.28 42.04 -16.60
CA SER A 62 -28.89 40.73 -16.59
C SER A 62 -29.32 40.35 -18.01
N SER A 63 -28.34 39.92 -18.80
CA SER A 63 -28.61 39.53 -20.18
C SER A 63 -28.69 38.01 -20.28
N GLY A 64 -29.29 37.56 -21.36
CA GLY A 64 -29.43 36.13 -21.60
C GLY A 64 -29.77 35.84 -23.06
N GLY A 1 16.76 -6.61 -15.06
CA GLY A 1 15.78 -5.58 -15.39
C GLY A 1 14.44 -5.87 -14.71
N SER A 2 13.63 -4.82 -14.58
CA SER A 2 12.33 -4.95 -13.95
C SER A 2 11.63 -3.59 -13.93
N SER A 3 10.38 -3.61 -14.38
CA SER A 3 9.59 -2.38 -14.41
C SER A 3 8.11 -2.72 -14.52
N GLY A 4 7.45 -2.73 -13.36
CA GLY A 4 6.03 -3.04 -13.31
C GLY A 4 5.79 -4.38 -12.61
N SER A 5 4.51 -4.70 -12.43
CA SER A 5 4.13 -5.93 -11.78
C SER A 5 3.61 -6.93 -12.82
N SER A 6 3.42 -8.17 -12.37
CA SER A 6 2.94 -9.21 -13.24
C SER A 6 1.91 -10.07 -12.49
N GLY A 7 1.01 -10.66 -13.27
CA GLY A 7 -0.02 -11.51 -12.70
C GLY A 7 0.58 -12.73 -11.99
N ARG A 8 0.24 -13.89 -12.50
CA ARG A 8 0.75 -15.13 -11.93
C ARG A 8 2.06 -15.53 -12.62
N ASN A 9 3.16 -15.06 -12.05
CA ASN A 9 4.47 -15.36 -12.59
C ASN A 9 5.54 -14.59 -11.80
N ARG A 10 6.66 -15.26 -11.58
CA ARG A 10 7.76 -14.64 -10.84
C ARG A 10 9.07 -15.36 -11.17
N GLN A 11 10.02 -14.57 -11.66
CA GLN A 11 11.32 -15.11 -12.02
C GLN A 11 12.42 -14.42 -11.20
N GLN A 12 12.87 -15.12 -10.17
CA GLN A 12 13.92 -14.59 -9.31
C GLN A 12 14.65 -15.73 -8.60
N ARG A 13 15.92 -15.49 -8.33
CA ARG A 13 16.74 -16.50 -7.65
C ARG A 13 15.94 -17.21 -6.57
N PRO A 14 15.43 -18.42 -6.94
CA PRO A 14 14.64 -19.21 -6.01
C PRO A 14 15.52 -19.86 -4.94
N GLY A 15 15.55 -19.23 -3.77
CA GLY A 15 16.35 -19.73 -2.67
C GLY A 15 15.92 -19.09 -1.35
N THR A 16 16.84 -18.40 -0.72
CA THR A 16 16.57 -17.75 0.54
C THR A 16 16.31 -16.25 0.33
N ILE A 17 15.09 -15.95 -0.07
CA ILE A 17 14.70 -14.57 -0.32
C ILE A 17 14.66 -13.81 1.02
N LYS A 18 14.90 -12.52 0.93
CA LYS A 18 14.89 -11.67 2.12
C LYS A 18 13.47 -11.16 2.36
N HIS A 19 13.23 -10.74 3.60
CA HIS A 19 11.93 -10.22 3.98
C HIS A 19 11.98 -9.68 5.41
N GLY A 20 12.63 -8.54 5.55
CA GLY A 20 12.76 -7.91 6.85
C GLY A 20 13.43 -6.54 6.74
N SER A 21 13.70 -5.95 7.90
CA SER A 21 14.34 -4.65 7.94
C SER A 21 15.79 -4.76 7.47
N ALA A 22 16.21 -3.77 6.69
CA ALA A 22 17.57 -3.74 6.18
C ALA A 22 18.53 -4.14 7.30
N LEU A 23 18.26 -3.63 8.49
CA LEU A 23 19.10 -3.92 9.64
C LEU A 23 18.84 -5.37 10.10
N ASP A 24 17.57 -5.71 10.16
CA ASP A 24 17.18 -7.04 10.58
C ASP A 24 17.89 -8.07 9.71
N VAL A 25 18.15 -7.68 8.48
CA VAL A 25 18.83 -8.56 7.54
C VAL A 25 20.25 -8.85 8.04
N LEU A 26 21.02 -7.78 8.17
CA LEU A 26 22.39 -7.89 8.64
C LEU A 26 22.42 -8.71 9.93
N LEU A 27 21.47 -8.40 10.81
CA LEU A 27 21.38 -9.11 12.08
C LEU A 27 21.24 -10.61 11.81
N SER A 28 20.50 -10.92 10.77
CA SER A 28 20.28 -12.31 10.39
C SER A 28 21.59 -12.95 9.95
N MET A 29 22.39 -12.16 9.24
CA MET A 29 23.68 -12.64 8.77
C MET A 29 24.61 -12.99 9.92
N GLY A 30 24.31 -12.39 11.07
CA GLY A 30 25.12 -12.63 12.26
C GLY A 30 25.91 -11.38 12.64
N PHE A 31 25.34 -10.22 12.31
CA PHE A 31 25.99 -8.96 12.60
C PHE A 31 25.26 -8.23 13.72
N PRO A 32 26.07 -7.50 14.55
CA PRO A 32 25.50 -6.75 15.67
C PRO A 32 24.81 -5.48 15.18
N ARG A 33 23.65 -5.22 15.75
CA ARG A 33 22.88 -4.05 15.38
C ARG A 33 23.81 -2.85 15.15
N ALA A 34 24.65 -2.60 16.14
CA ALA A 34 25.59 -1.50 16.07
C ALA A 34 26.28 -1.52 14.71
N ARG A 35 26.97 -2.62 14.44
CA ARG A 35 27.68 -2.78 13.19
C ARG A 35 26.79 -2.34 12.01
N ALA A 36 25.64 -3.01 11.91
CA ALA A 36 24.71 -2.70 10.86
C ALA A 36 24.34 -1.21 10.92
N GLN A 37 24.14 -0.73 12.14
CA GLN A 37 23.79 0.67 12.34
C GLN A 37 24.87 1.58 11.77
N LYS A 38 26.06 1.47 12.35
CA LYS A 38 27.18 2.28 11.90
C LYS A 38 27.22 2.29 10.38
N ALA A 39 27.19 1.10 9.81
CA ALA A 39 27.23 0.96 8.37
C ALA A 39 26.04 1.70 7.75
N LEU A 40 24.85 1.22 8.09
CA LEU A 40 23.63 1.82 7.58
C LEU A 40 23.77 3.34 7.60
N ALA A 41 23.93 3.88 8.80
CA ALA A 41 24.09 5.31 8.96
C ALA A 41 25.02 5.86 7.88
N SER A 42 26.24 5.35 7.89
CA SER A 42 27.24 5.77 6.91
C SER A 42 26.61 5.80 5.51
N THR A 43 26.07 4.66 5.12
CA THR A 43 25.45 4.55 3.82
C THR A 43 23.96 4.87 3.90
N GLY A 44 23.64 5.79 4.82
CA GLY A 44 22.25 6.19 5.01
C GLY A 44 21.42 5.04 5.58
N GLY A 45 20.90 4.22 4.68
CA GLY A 45 20.09 3.08 5.07
C GLY A 45 19.12 2.69 3.97
N ARG A 46 19.68 2.44 2.79
CA ARG A 46 18.88 2.04 1.65
C ARG A 46 19.10 0.57 1.32
N SER A 47 20.36 0.23 1.08
CA SER A 47 20.72 -1.13 0.75
C SER A 47 21.72 -1.68 1.78
N VAL A 48 21.65 -2.99 1.99
CA VAL A 48 22.53 -3.64 2.95
C VAL A 48 23.84 -4.00 2.25
N GLN A 49 23.74 -4.19 0.94
CA GLN A 49 24.91 -4.55 0.15
C GLN A 49 25.96 -3.44 0.23
N THR A 50 25.50 -2.21 0.08
CA THR A 50 26.39 -1.06 0.14
C THR A 50 27.02 -0.94 1.52
N ALA A 51 26.20 -1.08 2.54
CA ALA A 51 26.66 -1.00 3.91
C ALA A 51 27.71 -2.09 4.15
N CYS A 52 27.42 -3.27 3.63
CA CYS A 52 28.32 -4.41 3.78
C CYS A 52 29.72 -3.96 3.35
N ASP A 53 29.80 -3.49 2.12
CA ASP A 53 31.08 -3.04 1.58
C ASP A 53 31.74 -2.11 2.59
N TRP A 54 30.96 -1.17 3.09
CA TRP A 54 31.47 -0.20 4.06
C TRP A 54 32.03 -0.99 5.25
N LEU A 55 31.19 -1.84 5.82
CA LEU A 55 31.59 -2.63 6.96
C LEU A 55 32.98 -3.21 6.71
N PHE A 56 33.07 -4.07 5.70
CA PHE A 56 34.34 -4.69 5.35
C PHE A 56 35.40 -3.62 5.05
N SER A 57 35.05 -2.75 4.13
CA SER A 57 35.97 -1.68 3.74
C SER A 57 36.66 -1.11 4.96
N HIS A 58 37.80 -0.45 4.72
CA HIS A 58 38.56 0.13 5.81
C HIS A 58 39.07 -0.96 6.74
N SER A 59 40.25 -1.47 6.42
CA SER A 59 40.86 -2.52 7.22
C SER A 59 42.28 -2.13 7.61
N GLY A 60 42.53 -2.13 8.90
CA GLY A 60 43.85 -1.78 9.40
C GLY A 60 44.78 -2.99 9.41
N PRO A 61 46.11 -2.70 9.43
CA PRO A 61 47.11 -3.75 9.44
C PRO A 61 47.19 -4.42 10.82
N SER A 62 46.72 -5.66 10.86
CA SER A 62 46.73 -6.42 12.10
C SER A 62 46.18 -7.82 11.86
N SER A 63 46.61 -8.76 12.70
CA SER A 63 46.17 -10.13 12.59
C SER A 63 44.88 -10.33 13.39
N GLY A 64 44.97 -10.03 14.68
CA GLY A 64 43.82 -10.17 15.56
C GLY A 64 43.03 -8.87 15.64
N GLY A 1 16.76 -6.61 -15.06
CA GLY A 1 15.78 -5.58 -15.39
C GLY A 1 14.40 -5.94 -14.81
N SER A 2 13.48 -6.24 -15.71
CA SER A 2 12.13 -6.59 -15.31
C SER A 2 11.46 -5.42 -14.61
N SER A 3 10.14 -5.41 -14.65
CA SER A 3 9.38 -4.34 -14.02
C SER A 3 7.88 -4.64 -14.13
N GLY A 4 7.13 -4.11 -13.18
CA GLY A 4 5.69 -4.31 -13.15
C GLY A 4 4.95 -3.00 -12.84
N SER A 5 3.88 -3.13 -12.08
CA SER A 5 3.09 -1.97 -11.69
C SER A 5 2.45 -1.35 -12.93
N SER A 6 1.12 -1.33 -12.92
CA SER A 6 0.38 -0.77 -14.04
C SER A 6 -0.90 -0.10 -13.53
N GLY A 7 -1.72 -0.89 -12.86
CA GLY A 7 -2.97 -0.39 -12.32
C GLY A 7 -3.69 -1.47 -11.50
N ARG A 8 -4.56 -1.01 -10.62
CA ARG A 8 -5.32 -1.92 -9.78
C ARG A 8 -6.49 -2.53 -10.57
N ASN A 9 -6.23 -3.71 -11.10
CA ASN A 9 -7.25 -4.42 -11.87
C ASN A 9 -6.76 -5.84 -12.18
N ARG A 10 -7.33 -6.79 -11.46
CA ARG A 10 -6.96 -8.18 -11.65
C ARG A 10 -7.33 -8.64 -13.06
N GLN A 11 -8.62 -8.57 -13.36
CA GLN A 11 -9.11 -8.97 -14.66
C GLN A 11 -10.57 -8.53 -14.83
N GLN A 12 -10.76 -7.53 -15.67
CA GLN A 12 -12.09 -7.02 -15.93
C GLN A 12 -12.16 -6.39 -17.32
N ARG A 13 -13.02 -6.95 -18.16
CA ARG A 13 -13.19 -6.46 -19.51
C ARG A 13 -14.48 -5.64 -19.62
N PRO A 14 -14.44 -4.63 -20.53
CA PRO A 14 -15.60 -3.78 -20.75
C PRO A 14 -16.68 -4.51 -21.55
N GLY A 15 -16.28 -4.98 -22.72
CA GLY A 15 -17.21 -5.69 -23.59
C GLY A 15 -18.52 -4.93 -23.75
N THR A 16 -18.39 -3.69 -24.22
CA THR A 16 -19.55 -2.85 -24.42
C THR A 16 -20.06 -2.97 -25.86
N ILE A 17 -21.25 -3.52 -25.99
CA ILE A 17 -21.86 -3.70 -27.30
C ILE A 17 -22.72 -2.48 -27.63
N LYS A 18 -22.73 -2.12 -28.90
CA LYS A 18 -23.50 -0.98 -29.36
C LYS A 18 -22.99 0.29 -28.68
N HIS A 19 -23.04 1.38 -29.42
CA HIS A 19 -22.58 2.66 -28.91
C HIS A 19 -23.47 3.09 -27.74
N GLY A 20 -22.84 3.37 -26.62
CA GLY A 20 -23.56 3.80 -25.44
C GLY A 20 -23.63 5.32 -25.35
N SER A 21 -24.64 5.80 -24.64
CA SER A 21 -24.83 7.23 -24.47
C SER A 21 -23.53 7.88 -24.00
N ALA A 22 -23.35 9.13 -24.41
CA ALA A 22 -22.16 9.87 -24.02
C ALA A 22 -21.95 9.75 -22.51
N LEU A 23 -23.05 9.79 -21.78
CA LEU A 23 -23.00 9.68 -20.33
C LEU A 23 -22.67 8.24 -19.95
N ASP A 24 -23.46 7.32 -20.47
CA ASP A 24 -23.27 5.90 -20.19
C ASP A 24 -21.80 5.55 -20.42
N VAL A 25 -21.23 6.15 -21.45
CA VAL A 25 -19.84 5.90 -21.79
C VAL A 25 -18.96 6.24 -20.58
N LEU A 26 -19.08 7.47 -20.13
CA LEU A 26 -18.31 7.93 -18.98
C LEU A 26 -18.49 6.94 -17.82
N LEU A 27 -19.74 6.53 -17.64
CA LEU A 27 -20.06 5.59 -16.57
C LEU A 27 -19.24 4.30 -16.76
N SER A 28 -19.08 3.93 -18.02
CA SER A 28 -18.32 2.73 -18.35
C SER A 28 -16.84 2.93 -18.03
N MET A 29 -16.38 4.16 -18.25
CA MET A 29 -14.99 4.49 -17.99
C MET A 29 -14.68 4.39 -16.49
N GLY A 30 -15.73 4.51 -15.68
CA GLY A 30 -15.58 4.44 -14.24
C GLY A 30 -15.86 5.79 -13.59
N PHE A 31 -16.69 6.58 -14.27
CA PHE A 31 -17.04 7.89 -13.76
C PHE A 31 -18.48 7.90 -13.22
N PRO A 32 -18.68 8.71 -12.16
CA PRO A 32 -19.99 8.82 -11.53
C PRO A 32 -20.93 9.67 -12.39
N ARG A 33 -22.15 9.18 -12.54
CA ARG A 33 -23.15 9.88 -13.33
C ARG A 33 -23.04 11.40 -13.10
N ALA A 34 -23.11 11.78 -11.83
CA ALA A 34 -23.02 13.18 -11.47
C ALA A 34 -21.83 13.82 -12.19
N ARG A 35 -20.64 13.35 -11.83
CA ARG A 35 -19.42 13.86 -12.43
C ARG A 35 -19.63 14.11 -13.93
N ALA A 36 -20.02 13.05 -14.61
CA ALA A 36 -20.26 13.13 -16.05
C ALA A 36 -21.34 14.17 -16.32
N GLN A 37 -22.40 14.11 -15.53
CA GLN A 37 -23.49 15.05 -15.68
C GLN A 37 -22.99 16.49 -15.60
N LYS A 38 -22.49 16.85 -14.43
CA LYS A 38 -21.96 18.18 -14.21
C LYS A 38 -21.11 18.59 -15.41
N ALA A 39 -20.13 17.74 -15.72
CA ALA A 39 -19.24 18.00 -16.84
C ALA A 39 -20.06 18.17 -18.12
N LEU A 40 -20.70 17.08 -18.53
CA LEU A 40 -21.52 17.10 -19.72
C LEU A 40 -22.31 18.41 -19.77
N ALA A 41 -22.92 18.73 -18.64
CA ALA A 41 -23.72 19.95 -18.54
C ALA A 41 -22.88 21.14 -18.99
N SER A 42 -21.77 21.33 -18.29
CA SER A 42 -20.87 22.44 -18.60
C SER A 42 -20.62 22.50 -20.11
N THR A 43 -20.44 21.32 -20.70
CA THR A 43 -20.19 21.22 -22.12
C THR A 43 -21.44 20.70 -22.85
N GLY A 44 -22.59 21.07 -22.31
CA GLY A 44 -23.85 20.65 -22.88
C GLY A 44 -24.00 19.12 -22.83
N GLY A 45 -23.48 18.48 -23.87
CA GLY A 45 -23.55 17.03 -23.95
C GLY A 45 -23.42 16.56 -25.41
N ARG A 46 -22.24 16.74 -25.96
CA ARG A 46 -21.97 16.34 -27.33
C ARG A 46 -21.08 15.10 -27.37
N SER A 47 -19.93 15.22 -26.70
CA SER A 47 -18.99 14.12 -26.64
C SER A 47 -18.48 13.93 -25.21
N VAL A 48 -17.78 12.82 -25.00
CA VAL A 48 -17.24 12.52 -23.69
C VAL A 48 -15.89 13.20 -23.53
N GLN A 49 -15.19 13.33 -24.65
CA GLN A 49 -13.88 13.97 -24.65
C GLN A 49 -13.93 15.31 -23.91
N THR A 50 -14.84 16.16 -24.37
CA THR A 50 -15.01 17.47 -23.77
C THR A 50 -15.25 17.34 -22.27
N ALA A 51 -16.01 16.31 -21.91
CA ALA A 51 -16.32 16.06 -20.51
C ALA A 51 -15.06 15.60 -19.78
N CYS A 52 -14.26 14.81 -20.47
CA CYS A 52 -13.02 14.30 -19.91
C CYS A 52 -12.14 15.49 -19.53
N ASP A 53 -11.86 16.32 -20.52
CA ASP A 53 -11.03 17.49 -20.30
C ASP A 53 -11.57 18.27 -19.10
N TRP A 54 -12.85 18.62 -19.19
CA TRP A 54 -13.50 19.36 -18.12
C TRP A 54 -13.28 18.60 -16.81
N LEU A 55 -13.60 17.31 -16.85
CA LEU A 55 -13.45 16.46 -15.69
C LEU A 55 -12.08 16.69 -15.07
N PHE A 56 -11.05 16.26 -15.79
CA PHE A 56 -9.69 16.41 -15.33
C PHE A 56 -9.40 17.87 -14.95
N SER A 57 -9.72 18.76 -15.88
CA SER A 57 -9.49 20.18 -15.65
C SER A 57 -10.00 20.57 -14.26
N HIS A 58 -11.28 20.33 -14.04
CA HIS A 58 -11.89 20.65 -12.76
C HIS A 58 -11.51 19.59 -11.73
N SER A 59 -10.31 19.74 -11.19
CA SER A 59 -9.82 18.80 -10.20
C SER A 59 -9.59 19.53 -8.87
N GLY A 60 -8.71 20.53 -8.93
CA GLY A 60 -8.40 21.31 -7.75
C GLY A 60 -8.34 22.80 -8.07
N PRO A 61 -7.60 23.55 -7.21
CA PRO A 61 -7.46 24.99 -7.39
C PRO A 61 -6.50 25.29 -8.53
N SER A 62 -5.42 24.53 -8.58
CA SER A 62 -4.41 24.71 -9.62
C SER A 62 -3.47 23.50 -9.64
N SER A 63 -3.41 22.87 -10.81
CA SER A 63 -2.56 21.71 -10.99
C SER A 63 -3.02 20.58 -10.07
N GLY A 64 -3.90 19.74 -10.60
CA GLY A 64 -4.43 18.62 -9.85
C GLY A 64 -3.55 17.38 -10.02
#